data_1WQD
#
_entry.id   1WQD
#
_entity_poly.entity_id   1
_entity_poly.type   'polypeptide(L)'
_entity_poly.pdbx_seq_one_letter_code
;DPCYEVCLQQHGNVKECEEACKHPVEY
;
_entity_poly.pdbx_strand_id   A
#
# COMPACT_ATOMS: atom_id res chain seq x y z
N ASP A 1 -5.36 6.63 -1.97
CA ASP A 1 -6.11 5.44 -1.51
C ASP A 1 -6.02 5.29 0.01
N PRO A 2 -7.07 4.71 0.63
CA PRO A 2 -7.10 4.51 2.08
C PRO A 2 -6.10 3.46 2.55
N CYS A 3 -6.08 2.33 1.85
CA CYS A 3 -5.15 1.24 2.19
C CYS A 3 -3.71 1.71 2.09
N TYR A 4 -3.37 2.32 0.96
CA TYR A 4 -2.01 2.81 0.74
C TYR A 4 -1.56 3.76 1.84
N GLU A 5 -2.35 4.80 2.09
CA GLU A 5 -2.02 5.78 3.12
C GLU A 5 -1.84 5.11 4.48
N VAL A 6 -2.80 4.28 4.88
CA VAL A 6 -2.72 3.58 6.15
C VAL A 6 -1.39 2.84 6.25
N CYS A 7 -1.03 2.17 5.16
CA CYS A 7 0.22 1.44 5.08
C CYS A 7 1.39 2.40 5.21
N LEU A 8 1.47 3.29 4.23
CA LEU A 8 2.48 4.32 4.17
C LEU A 8 2.70 4.97 5.53
N GLN A 9 1.59 5.14 6.25
CA GLN A 9 1.63 5.75 7.58
C GLN A 9 2.75 5.16 8.43
N GLN A 10 3.00 3.86 8.25
CA GLN A 10 4.04 3.18 9.01
C GLN A 10 4.60 2.00 8.23
N HIS A 11 4.96 2.23 6.98
CA HIS A 11 5.50 1.18 6.13
C HIS A 11 6.35 1.76 5.00
N GLY A 12 7.06 0.90 4.29
CA GLY A 12 7.90 1.34 3.20
C GLY A 12 7.09 1.80 2.00
N ASN A 13 7.69 1.70 0.82
CA ASN A 13 7.01 2.11 -0.42
C ASN A 13 6.11 1.01 -0.93
N VAL A 14 5.67 1.15 -2.17
CA VAL A 14 4.80 0.18 -2.81
C VAL A 14 5.28 -1.26 -2.56
N LYS A 15 6.14 -1.78 -3.46
CA LYS A 15 6.68 -3.13 -3.37
C LYS A 15 5.97 -4.01 -2.31
N GLU A 16 6.58 -4.14 -1.13
CA GLU A 16 5.99 -4.94 -0.06
C GLU A 16 4.62 -4.40 0.34
N CYS A 17 4.57 -3.11 0.61
CA CYS A 17 3.33 -2.45 0.99
C CYS A 17 2.17 -2.86 0.09
N GLU A 18 2.47 -3.02 -1.20
CA GLU A 18 1.45 -3.42 -2.17
C GLU A 18 0.95 -4.82 -1.87
N GLU A 19 1.88 -5.76 -1.70
CA GLU A 19 1.53 -7.14 -1.40
C GLU A 19 0.75 -7.23 -0.09
N ALA A 20 1.02 -6.31 0.82
CA ALA A 20 0.34 -6.28 2.11
C ALA A 20 -1.05 -5.66 1.99
N CYS A 21 -1.18 -4.66 1.12
CA CYS A 21 -2.45 -3.98 0.91
C CYS A 21 -3.35 -4.79 -0.02
N LYS A 22 -2.74 -5.69 -0.80
CA LYS A 22 -3.49 -6.53 -1.74
C LYS A 22 -4.50 -5.71 -2.54
N HIS A 23 -4.11 -4.49 -2.90
CA HIS A 23 -4.97 -3.59 -3.67
C HIS A 23 -4.35 -3.27 -5.02
N PRO A 24 -4.72 -4.02 -6.08
CA PRO A 24 -4.19 -3.81 -7.42
C PRO A 24 -4.70 -2.52 -8.05
N VAL A 25 -4.39 -1.39 -7.42
CA VAL A 25 -4.81 -0.09 -7.91
C VAL A 25 -3.84 0.40 -8.99
N GLU A 26 -3.96 1.67 -9.36
CA GLU A 26 -3.09 2.25 -10.37
C GLU A 26 -1.67 2.45 -9.81
N TYR A 27 -1.04 1.35 -9.41
CA TYR A 27 0.30 1.42 -8.85
C TYR A 27 0.33 2.28 -7.59
N ASP A 1 -6.35 9.23 0.57
CA ASP A 1 -5.39 8.29 1.22
C ASP A 1 -5.94 6.87 1.26
N PRO A 2 -5.68 6.08 0.21
CA PRO A 2 -6.14 4.69 0.12
C PRO A 2 -5.21 3.73 0.83
N CYS A 3 -5.26 2.46 0.43
CA CYS A 3 -4.41 1.43 1.03
C CYS A 3 -2.95 1.87 1.11
N TYR A 4 -2.41 2.30 -0.03
CA TYR A 4 -1.03 2.73 -0.10
C TYR A 4 -0.73 3.83 0.92
N GLU A 5 -1.30 5.02 0.71
CA GLU A 5 -1.10 6.14 1.61
C GLU A 5 -1.32 5.73 3.06
N VAL A 6 -2.43 5.04 3.32
CA VAL A 6 -2.74 4.57 4.66
C VAL A 6 -1.55 3.78 5.20
N CYS A 7 -0.93 3.01 4.32
CA CYS A 7 0.24 2.22 4.68
C CYS A 7 1.43 3.15 4.93
N LEU A 8 1.64 4.07 4.00
CA LEU A 8 2.71 5.04 4.07
C LEU A 8 2.69 5.79 5.40
N GLN A 9 1.50 5.97 5.96
CA GLN A 9 1.33 6.67 7.22
C GLN A 9 2.36 6.19 8.25
N GLN A 10 2.37 4.89 8.49
CA GLN A 10 3.31 4.30 9.45
C GLN A 10 3.57 2.83 9.15
N HIS A 11 3.80 2.49 7.89
CA HIS A 11 4.06 1.11 7.51
C HIS A 11 5.36 0.98 6.72
N GLY A 12 5.36 1.48 5.49
CA GLY A 12 6.55 1.40 4.66
C GLY A 12 6.26 1.66 3.20
N ASN A 13 7.27 1.46 2.36
CA ASN A 13 7.12 1.67 0.92
C ASN A 13 6.32 0.55 0.27
N VAL A 14 6.41 0.48 -1.05
CA VAL A 14 5.72 -0.53 -1.83
C VAL A 14 6.05 -1.94 -1.34
N LYS A 15 7.13 -2.52 -1.88
CA LYS A 15 7.59 -3.87 -1.53
C LYS A 15 6.61 -4.65 -0.65
N GLU A 16 6.70 -4.48 0.66
CA GLU A 16 5.82 -5.19 1.59
C GLU A 16 4.35 -4.94 1.29
N CYS A 17 3.87 -3.76 1.64
CA CYS A 17 2.47 -3.40 1.42
C CYS A 17 2.05 -3.73 -0.01
N GLU A 18 2.99 -3.76 -0.93
CA GLU A 18 2.69 -4.07 -2.33
C GLU A 18 1.99 -5.43 -2.43
N GLU A 19 2.71 -6.48 -2.06
CA GLU A 19 2.15 -7.82 -2.10
C GLU A 19 1.00 -7.94 -1.10
N ALA A 20 1.10 -7.19 -0.01
CA ALA A 20 0.06 -7.20 1.01
C ALA A 20 -1.20 -6.52 0.48
N CYS A 21 -1.01 -5.59 -0.46
CA CYS A 21 -2.12 -4.86 -1.05
C CYS A 21 -1.96 -4.76 -2.56
N LYS A 22 -1.64 -5.90 -3.18
CA LYS A 22 -1.45 -5.94 -4.64
C LYS A 22 -2.76 -6.10 -5.38
N HIS A 23 -3.85 -5.61 -4.79
CA HIS A 23 -5.16 -5.70 -5.42
C HIS A 23 -5.30 -4.66 -6.53
N PRO A 24 -6.06 -4.98 -7.59
CA PRO A 24 -6.26 -4.07 -8.72
C PRO A 24 -7.17 -2.90 -8.38
N VAL A 25 -6.75 -2.12 -7.39
CA VAL A 25 -7.51 -0.96 -6.96
C VAL A 25 -7.05 0.29 -7.73
N GLU A 26 -7.43 1.46 -7.26
CA GLU A 26 -7.03 2.70 -7.91
C GLU A 26 -5.57 3.02 -7.63
N TYR A 27 -4.68 2.12 -8.00
CA TYR A 27 -3.25 2.32 -7.78
C TYR A 27 -2.95 2.48 -6.29
N ASP A 1 -11.19 4.51 1.34
CA ASP A 1 -9.95 4.86 2.07
C ASP A 1 -8.71 4.55 1.24
N PRO A 2 -7.59 5.23 1.52
CA PRO A 2 -6.34 5.03 0.81
C PRO A 2 -5.45 4.00 1.47
N CYS A 3 -5.49 2.78 0.94
CA CYS A 3 -4.70 1.68 1.47
C CYS A 3 -3.22 2.04 1.50
N TYR A 4 -2.71 2.51 0.36
CA TYR A 4 -1.31 2.89 0.25
C TYR A 4 -0.89 3.82 1.39
N GLU A 5 -1.49 5.01 1.43
CA GLU A 5 -1.16 5.98 2.47
C GLU A 5 -1.29 5.35 3.86
N VAL A 6 -2.32 4.54 4.07
CA VAL A 6 -2.53 3.88 5.34
C VAL A 6 -1.28 3.07 5.70
N CYS A 7 -0.71 2.42 4.69
CA CYS A 7 0.50 1.63 4.85
C CYS A 7 1.68 2.56 5.11
N LEU A 8 1.86 3.49 4.18
CA LEU A 8 2.93 4.47 4.26
C LEU A 8 2.94 5.18 5.61
N GLN A 9 1.75 5.35 6.17
CA GLN A 9 1.61 6.03 7.46
C GLN A 9 2.63 5.51 8.48
N GLN A 10 2.71 4.20 8.62
CA GLN A 10 3.65 3.59 9.56
C GLN A 10 4.02 2.17 9.13
N HIS A 11 4.43 2.02 7.87
CA HIS A 11 4.82 0.71 7.36
C HIS A 11 5.82 0.85 6.21
N GLY A 12 6.23 -0.29 5.66
CA GLY A 12 7.19 -0.28 4.56
C GLY A 12 6.71 0.55 3.38
N ASN A 13 7.47 0.48 2.28
CA ASN A 13 7.12 1.23 1.08
C ASN A 13 6.24 0.39 0.14
N VAL A 14 6.23 0.77 -1.13
CA VAL A 14 5.43 0.08 -2.14
C VAL A 14 5.64 -1.44 -2.08
N LYS A 15 6.89 -1.85 -1.94
CA LYS A 15 7.24 -3.28 -1.89
C LYS A 15 6.21 -4.11 -1.12
N GLU A 16 6.37 -4.19 0.20
CA GLU A 16 5.45 -4.97 1.04
C GLU A 16 4.02 -4.43 0.98
N CYS A 17 3.89 -3.11 1.04
CA CYS A 17 2.58 -2.48 1.02
C CYS A 17 1.73 -2.98 -0.16
N GLU A 18 2.39 -3.22 -1.29
CA GLU A 18 1.69 -3.71 -2.48
C GLU A 18 1.24 -5.15 -2.29
N GLU A 19 2.17 -6.01 -1.91
CA GLU A 19 1.87 -7.42 -1.70
C GLU A 19 0.99 -7.63 -0.46
N ALA A 20 0.94 -6.62 0.40
CA ALA A 20 0.15 -6.70 1.63
C ALA A 20 -1.28 -6.20 1.40
N CYS A 21 -1.45 -5.35 0.38
CA CYS A 21 -2.77 -4.80 0.08
C CYS A 21 -3.31 -5.34 -1.25
N LYS A 22 -2.39 -5.75 -2.13
CA LYS A 22 -2.76 -6.29 -3.44
C LYS A 22 -3.97 -5.58 -4.04
N HIS A 23 -4.01 -4.26 -3.87
CA HIS A 23 -5.10 -3.45 -4.38
C HIS A 23 -5.07 -3.38 -5.90
N PRO A 24 -6.06 -4.00 -6.59
CA PRO A 24 -6.12 -4.00 -8.05
C PRO A 24 -6.71 -2.71 -8.59
N VAL A 25 -6.09 -1.59 -8.25
CA VAL A 25 -6.53 -0.30 -8.71
C VAL A 25 -5.76 0.11 -9.96
N GLU A 26 -5.82 1.38 -10.31
CA GLU A 26 -5.11 1.88 -11.49
C GLU A 26 -3.61 1.99 -11.20
N TYR A 27 -3.00 0.86 -10.84
CA TYR A 27 -1.57 0.84 -10.54
C TYR A 27 -0.92 -0.43 -11.04
N ASP A 1 -9.36 4.72 3.16
CA ASP A 1 -9.70 4.63 1.71
C ASP A 1 -8.49 4.22 0.86
N PRO A 2 -7.35 4.92 1.03
CA PRO A 2 -6.14 4.63 0.29
C PRO A 2 -5.23 3.66 1.03
N CYS A 3 -5.27 2.40 0.63
CA CYS A 3 -4.45 1.36 1.25
C CYS A 3 -2.99 1.78 1.31
N TYR A 4 -2.44 2.19 0.18
CA TYR A 4 -1.06 2.62 0.10
C TYR A 4 -0.74 3.65 1.18
N GLU A 5 -1.35 4.83 1.06
CA GLU A 5 -1.13 5.90 2.03
C GLU A 5 -1.30 5.38 3.46
N VAL A 6 -2.32 4.55 3.67
CA VAL A 6 -2.57 3.99 4.99
C VAL A 6 -1.31 3.28 5.49
N CYS A 7 -0.67 2.54 4.60
CA CYS A 7 0.57 1.84 4.93
C CYS A 7 1.69 2.85 5.11
N LEU A 8 1.86 3.72 4.12
CA LEU A 8 2.88 4.74 4.18
C LEU A 8 2.81 5.50 5.50
N GLN A 9 1.61 5.51 6.09
CA GLN A 9 1.40 6.18 7.36
C GLN A 9 2.13 5.44 8.49
N GLN A 10 3.45 5.47 8.42
CA GLN A 10 4.32 4.83 9.41
C GLN A 10 4.30 3.31 9.28
N HIS A 11 4.52 2.82 8.07
CA HIS A 11 4.55 1.38 7.81
C HIS A 11 5.44 1.06 6.62
N GLY A 12 5.47 -0.21 6.22
CA GLY A 12 6.28 -0.62 5.09
C GLY A 12 6.06 0.23 3.86
N ASN A 13 6.86 0.00 2.82
CA ASN A 13 6.76 0.74 1.59
C ASN A 13 5.96 -0.04 0.54
N VAL A 14 6.17 0.33 -0.73
CA VAL A 14 5.49 -0.33 -1.84
C VAL A 14 5.68 -1.84 -1.81
N LYS A 15 6.93 -2.27 -1.75
CA LYS A 15 7.28 -3.69 -1.74
C LYS A 15 6.27 -4.55 -0.98
N GLU A 16 6.29 -4.45 0.34
CA GLU A 16 5.39 -5.23 1.19
C GLU A 16 3.93 -4.78 1.06
N CYS A 17 3.66 -3.53 1.43
CA CYS A 17 2.30 -2.99 1.37
C CYS A 17 1.59 -3.35 0.07
N GLU A 18 2.35 -3.42 -1.02
CA GLU A 18 1.79 -3.73 -2.32
C GLU A 18 1.35 -5.20 -2.37
N GLU A 19 2.27 -6.10 -2.04
CA GLU A 19 1.97 -7.52 -2.05
C GLU A 19 1.02 -7.90 -0.92
N ALA A 20 0.95 -7.06 0.10
CA ALA A 20 0.07 -7.30 1.24
C ALA A 20 -1.34 -6.79 0.98
N CYS A 21 -1.47 -5.84 0.06
CA CYS A 21 -2.77 -5.26 -0.26
C CYS A 21 -3.24 -5.71 -1.65
N LYS A 22 -2.28 -5.93 -2.54
CA LYS A 22 -2.57 -6.36 -3.91
C LYS A 22 -3.87 -5.77 -4.44
N HIS A 23 -4.10 -4.50 -4.10
CA HIS A 23 -5.28 -3.79 -4.52
C HIS A 23 -5.26 -3.53 -6.03
N PRO A 24 -6.15 -4.18 -6.80
CA PRO A 24 -6.22 -3.99 -8.25
C PRO A 24 -6.97 -2.73 -8.64
N VAL A 25 -6.49 -1.60 -8.14
CA VAL A 25 -7.09 -0.32 -8.43
C VAL A 25 -6.41 0.32 -9.63
N GLU A 26 -6.62 1.62 -9.83
CA GLU A 26 -6.02 2.32 -10.95
C GLU A 26 -4.54 2.59 -10.69
N TYR A 27 -3.77 1.52 -10.46
CA TYR A 27 -2.35 1.65 -10.18
C TYR A 27 -1.59 0.43 -10.72
N ASP A 1 -7.50 1.98 -1.71
CA ASP A 1 -7.21 3.44 -1.75
C ASP A 1 -6.48 3.91 -0.50
N PRO A 2 -7.09 3.71 0.70
CA PRO A 2 -6.48 4.11 1.96
C PRO A 2 -5.35 3.18 2.38
N CYS A 3 -5.40 1.94 1.91
CA CYS A 3 -4.37 0.96 2.24
C CYS A 3 -2.97 1.49 1.99
N TYR A 4 -2.69 1.84 0.74
CA TYR A 4 -1.38 2.36 0.36
C TYR A 4 -0.99 3.55 1.23
N GLU A 5 -1.70 4.66 1.07
CA GLU A 5 -1.41 5.88 1.84
C GLU A 5 -1.23 5.57 3.32
N VAL A 6 -2.16 4.79 3.89
CA VAL A 6 -2.08 4.42 5.30
C VAL A 6 -0.72 3.80 5.60
N CYS A 7 -0.26 2.94 4.71
CA CYS A 7 1.03 2.28 4.86
C CYS A 7 2.15 3.29 4.68
N LEU A 8 1.98 4.15 3.69
CA LEU A 8 2.96 5.18 3.38
C LEU A 8 3.10 6.16 4.53
N GLN A 9 2.00 6.37 5.26
CA GLN A 9 1.98 7.29 6.39
C GLN A 9 3.21 7.09 7.27
N GLN A 10 3.41 5.86 7.74
CA GLN A 10 4.55 5.54 8.59
C GLN A 10 4.91 4.06 8.50
N HIS A 11 4.89 3.52 7.29
CA HIS A 11 5.21 2.11 7.08
C HIS A 11 6.01 1.91 5.80
N GLY A 12 6.33 0.65 5.50
CA GLY A 12 7.09 0.34 4.31
C GLY A 12 6.43 0.83 3.04
N ASN A 13 7.19 0.87 1.95
CA ASN A 13 6.68 1.33 0.67
C ASN A 13 5.94 0.20 -0.05
N VAL A 14 5.80 0.33 -1.37
CA VAL A 14 5.14 -0.66 -2.19
C VAL A 14 5.61 -2.08 -1.84
N LYS A 15 6.67 -2.53 -2.53
CA LYS A 15 7.25 -3.86 -2.32
C LYS A 15 6.40 -4.78 -1.44
N GLU A 16 6.54 -4.66 -0.12
CA GLU A 16 5.78 -5.49 0.81
C GLU A 16 4.30 -5.15 0.85
N CYS A 17 3.95 -4.04 1.49
CA CYS A 17 2.57 -3.60 1.62
C CYS A 17 1.79 -3.77 0.31
N GLU A 18 2.49 -3.64 -0.80
CA GLU A 18 1.85 -3.78 -2.10
C GLU A 18 1.42 -5.22 -2.35
N GLU A 19 2.36 -6.15 -2.22
CA GLU A 19 2.07 -7.56 -2.43
C GLU A 19 1.18 -8.10 -1.32
N ALA A 20 1.22 -7.46 -0.15
CA ALA A 20 0.41 -7.87 0.98
C ALA A 20 -1.00 -7.30 0.90
N CYS A 21 -1.11 -6.12 0.28
CA CYS A 21 -2.41 -5.46 0.13
C CYS A 21 -3.11 -5.92 -1.15
N LYS A 22 -2.31 -6.26 -2.16
CA LYS A 22 -2.85 -6.71 -3.44
C LYS A 22 -4.00 -5.83 -3.92
N HIS A 23 -3.86 -4.53 -3.70
CA HIS A 23 -4.88 -3.57 -4.11
C HIS A 23 -4.43 -2.76 -5.33
N PRO A 24 -4.85 -3.17 -6.53
CA PRO A 24 -4.47 -2.48 -7.77
C PRO A 24 -5.12 -1.10 -7.88
N VAL A 25 -4.63 -0.16 -7.07
CA VAL A 25 -5.15 1.19 -7.07
C VAL A 25 -4.76 1.91 -8.37
N GLU A 26 -4.91 3.23 -8.39
CA GLU A 26 -4.57 4.02 -9.57
C GLU A 26 -3.07 4.24 -9.65
N TYR A 27 -2.30 3.16 -9.65
CA TYR A 27 -0.84 3.27 -9.73
C TYR A 27 -0.36 3.10 -11.17
N ASP A 1 -5.20 5.13 -2.75
CA ASP A 1 -6.11 4.23 -2.00
C ASP A 1 -5.86 4.31 -0.50
N PRO A 2 -6.92 4.15 0.32
CA PRO A 2 -6.80 4.20 1.78
C PRO A 2 -5.72 3.28 2.32
N CYS A 3 -5.76 2.02 1.87
CA CYS A 3 -4.78 1.03 2.30
C CYS A 3 -3.35 1.56 2.17
N TYR A 4 -3.03 2.05 0.98
CA TYR A 4 -1.70 2.59 0.71
C TYR A 4 -1.30 3.63 1.74
N GLU A 5 -1.99 4.78 1.74
CA GLU A 5 -1.71 5.85 2.68
C GLU A 5 -1.66 5.33 4.11
N VAL A 6 -2.57 4.42 4.45
CA VAL A 6 -2.62 3.85 5.79
C VAL A 6 -1.28 3.19 6.12
N CYS A 7 -0.74 2.47 5.14
CA CYS A 7 0.55 1.80 5.30
C CYS A 7 1.67 2.83 5.36
N LEU A 8 1.61 3.79 4.43
CA LEU A 8 2.60 4.85 4.36
C LEU A 8 2.70 5.60 5.68
N GLN A 9 1.58 5.69 6.38
CA GLN A 9 1.51 6.38 7.66
C GLN A 9 2.67 5.99 8.57
N GLN A 10 2.87 4.67 8.74
CA GLN A 10 3.95 4.17 9.58
C GLN A 10 4.38 2.78 9.15
N HIS A 11 4.62 2.60 7.85
CA HIS A 11 5.05 1.30 7.33
C HIS A 11 5.87 1.47 6.06
N GLY A 12 6.47 0.37 5.59
CA GLY A 12 7.29 0.42 4.39
C GLY A 12 6.53 0.97 3.19
N ASN A 13 7.25 1.16 2.09
CA ASN A 13 6.66 1.70 0.87
C ASN A 13 5.83 0.63 0.16
N VAL A 14 5.61 0.83 -1.13
CA VAL A 14 4.84 -0.11 -1.95
C VAL A 14 5.27 -1.55 -1.69
N LYS A 15 6.30 -2.01 -2.42
CA LYS A 15 6.84 -3.38 -2.30
C LYS A 15 6.02 -4.26 -1.36
N GLU A 16 6.23 -4.10 -0.06
CA GLU A 16 5.53 -4.90 0.94
C GLU A 16 4.04 -4.56 1.00
N CYS A 17 3.74 -3.33 1.42
CA CYS A 17 2.36 -2.86 1.53
C CYS A 17 1.53 -3.24 0.31
N GLU A 18 2.18 -3.29 -0.85
CA GLU A 18 1.50 -3.63 -2.09
C GLU A 18 1.11 -5.11 -2.11
N GLU A 19 2.08 -5.97 -1.83
CA GLU A 19 1.84 -7.41 -1.81
C GLU A 19 0.96 -7.81 -0.63
N ALA A 20 0.88 -6.93 0.37
CA ALA A 20 0.07 -7.20 1.56
C ALA A 20 -1.38 -6.80 1.35
N CYS A 21 -1.61 -5.85 0.44
CA CYS A 21 -2.97 -5.39 0.16
C CYS A 21 -3.45 -5.84 -1.21
N LYS A 22 -2.50 -6.02 -2.14
CA LYS A 22 -2.81 -6.46 -3.49
C LYS A 22 -4.10 -5.83 -4.02
N HIS A 23 -4.21 -4.53 -3.82
CA HIS A 23 -5.38 -3.78 -4.26
C HIS A 23 -5.30 -3.48 -5.76
N PRO A 24 -6.17 -4.11 -6.58
CA PRO A 24 -6.17 -3.89 -8.03
C PRO A 24 -6.81 -2.56 -8.42
N VAL A 25 -6.27 -1.48 -7.89
CA VAL A 25 -6.77 -0.15 -8.18
C VAL A 25 -5.86 0.52 -9.21
N GLU A 26 -5.99 1.84 -9.35
CA GLU A 26 -5.16 2.57 -10.29
C GLU A 26 -3.73 2.69 -9.78
N TYR A 27 -3.09 1.53 -9.56
CA TYR A 27 -1.72 1.51 -9.07
C TYR A 27 -1.62 2.16 -7.69
N ASP A 1 -10.79 5.73 2.38
CA ASP A 1 -9.91 4.66 2.92
C ASP A 1 -8.71 4.43 2.02
N PRO A 2 -7.66 5.26 2.18
CA PRO A 2 -6.44 5.17 1.39
C PRO A 2 -5.48 4.12 1.94
N CYS A 3 -5.51 2.94 1.35
CA CYS A 3 -4.66 1.83 1.78
C CYS A 3 -3.19 2.24 1.76
N TYR A 4 -2.73 2.72 0.61
CA TYR A 4 -1.34 3.13 0.45
C TYR A 4 -0.92 4.08 1.57
N GLU A 5 -1.52 5.28 1.57
CA GLU A 5 -1.21 6.29 2.59
C GLU A 5 -1.21 5.67 3.99
N VAL A 6 -2.22 4.86 4.27
CA VAL A 6 -2.31 4.19 5.58
C VAL A 6 -1.04 3.41 5.86
N CYS A 7 -0.54 2.74 4.83
CA CYS A 7 0.69 1.96 4.94
C CYS A 7 1.88 2.89 5.09
N LEU A 8 1.90 3.93 4.26
CA LEU A 8 2.97 4.93 4.27
C LEU A 8 3.17 5.50 5.67
N GLN A 9 2.07 5.65 6.40
CA GLN A 9 2.10 6.20 7.76
C GLN A 9 3.21 5.55 8.58
N GLN A 10 3.29 4.23 8.54
CA GLN A 10 4.30 3.50 9.29
C GLN A 10 4.66 2.18 8.62
N HIS A 11 4.96 2.24 7.32
CA HIS A 11 5.32 1.05 6.57
C HIS A 11 6.14 1.41 5.33
N GLY A 12 6.67 0.39 4.66
CA GLY A 12 7.47 0.62 3.47
C GLY A 12 6.66 1.15 2.32
N ASN A 13 7.31 1.37 1.18
CA ASN A 13 6.65 1.88 -0.01
C ASN A 13 5.71 0.83 -0.61
N VAL A 14 5.34 1.04 -1.87
CA VAL A 14 4.46 0.12 -2.58
C VAL A 14 4.91 -1.34 -2.39
N LYS A 15 5.84 -1.79 -3.26
CA LYS A 15 6.38 -3.16 -3.21
C LYS A 15 5.69 -4.06 -2.19
N GLU A 16 6.08 -3.94 -0.93
CA GLU A 16 5.50 -4.74 0.14
C GLU A 16 4.04 -4.41 0.36
N CYS A 17 3.77 -3.16 0.75
CA CYS A 17 2.40 -2.70 1.00
C CYS A 17 1.46 -3.13 -0.13
N GLU A 18 1.98 -3.17 -1.34
CA GLU A 18 1.19 -3.56 -2.50
C GLU A 18 0.70 -5.00 -2.35
N GLU A 19 1.63 -5.92 -2.15
CA GLU A 19 1.30 -7.33 -1.99
C GLU A 19 0.46 -7.54 -0.73
N ALA A 20 0.68 -6.69 0.27
CA ALA A 20 -0.05 -6.79 1.53
C ALA A 20 -1.48 -6.27 1.37
N CYS A 21 -1.63 -5.21 0.58
CA CYS A 21 -2.94 -4.61 0.35
C CYS A 21 -3.75 -5.43 -0.66
N LYS A 22 -3.09 -6.38 -1.33
CA LYS A 22 -3.75 -7.23 -2.32
C LYS A 22 -4.65 -6.42 -3.25
N HIS A 23 -4.24 -5.18 -3.52
CA HIS A 23 -5.01 -4.30 -4.39
C HIS A 23 -4.17 -3.87 -5.59
N PRO A 24 -4.24 -4.63 -6.70
CA PRO A 24 -3.48 -4.33 -7.91
C PRO A 24 -3.99 -3.08 -8.62
N VAL A 25 -3.93 -1.94 -7.94
CA VAL A 25 -4.38 -0.68 -8.49
C VAL A 25 -3.35 -0.16 -9.50
N GLU A 26 -3.56 1.05 -9.99
CA GLU A 26 -2.64 1.66 -10.95
C GLU A 26 -1.33 2.04 -10.27
N TYR A 27 -0.63 1.05 -9.73
CA TYR A 27 0.64 1.28 -9.06
C TYR A 27 0.46 2.20 -7.85
N ASP A 1 -6.23 7.30 -1.99
CA ASP A 1 -5.63 5.97 -1.68
C ASP A 1 -5.52 5.75 -0.18
N PRO A 2 -6.57 5.19 0.45
CA PRO A 2 -6.59 4.92 1.89
C PRO A 2 -5.59 3.84 2.29
N CYS A 3 -5.61 2.72 1.55
CA CYS A 3 -4.70 1.61 1.84
C CYS A 3 -3.25 2.07 1.82
N TYR A 4 -2.82 2.59 0.68
CA TYR A 4 -1.45 3.06 0.52
C TYR A 4 -1.03 3.98 1.68
N GLU A 5 -1.71 5.11 1.80
CA GLU A 5 -1.41 6.07 2.86
C GLU A 5 -1.35 5.39 4.22
N VAL A 6 -2.36 4.58 4.53
CA VAL A 6 -2.39 3.86 5.80
C VAL A 6 -1.09 3.09 5.98
N CYS A 7 -0.60 2.53 4.88
CA CYS A 7 0.66 1.79 4.87
C CYS A 7 1.82 2.75 5.10
N LEU A 8 1.81 3.82 4.32
CA LEU A 8 2.85 4.85 4.39
C LEU A 8 2.95 5.42 5.79
N GLN A 9 1.82 5.45 6.49
CA GLN A 9 1.77 5.98 7.86
C GLN A 9 2.95 5.47 8.69
N GLN A 10 3.10 4.15 8.74
CA GLN A 10 4.19 3.54 9.50
C GLN A 10 4.54 2.16 8.94
N HIS A 11 4.70 2.07 7.63
CA HIS A 11 5.03 0.80 6.99
C HIS A 11 5.91 1.01 5.76
N GLY A 12 6.02 -0.03 4.93
CA GLY A 12 6.83 0.06 3.73
C GLY A 12 6.39 1.17 2.80
N ASN A 13 6.88 1.14 1.57
CA ASN A 13 6.54 2.17 0.59
C ASN A 13 5.59 1.62 -0.48
N VAL A 14 6.16 0.95 -1.47
CA VAL A 14 5.37 0.38 -2.56
C VAL A 14 5.56 -1.13 -2.65
N LYS A 15 6.82 -1.57 -2.61
CA LYS A 15 7.15 -2.98 -2.70
C LYS A 15 6.34 -3.81 -1.70
N GLU A 16 6.66 -3.65 -0.42
CA GLU A 16 5.96 -4.39 0.63
C GLU A 16 4.50 -3.98 0.72
N CYS A 17 4.26 -2.67 0.70
CA CYS A 17 2.91 -2.14 0.79
C CYS A 17 2.01 -2.70 -0.33
N GLU A 18 2.60 -2.95 -1.48
CA GLU A 18 1.85 -3.49 -2.61
C GLU A 18 1.40 -4.93 -2.32
N GLU A 19 2.32 -5.74 -1.83
CA GLU A 19 2.01 -7.13 -1.51
C GLU A 19 1.05 -7.22 -0.33
N ALA A 20 1.12 -6.22 0.55
CA ALA A 20 0.26 -6.18 1.73
C ALA A 20 -1.17 -5.78 1.35
N CYS A 21 -1.29 -4.85 0.41
CA CYS A 21 -2.59 -4.38 -0.03
C CYS A 21 -3.21 -5.34 -1.04
N LYS A 22 -2.35 -5.97 -1.85
CA LYS A 22 -2.80 -6.92 -2.87
C LYS A 22 -4.01 -6.40 -3.64
N HIS A 23 -4.09 -5.08 -3.78
CA HIS A 23 -5.19 -4.45 -4.49
C HIS A 23 -4.72 -3.85 -5.81
N PRO A 24 -5.01 -4.51 -6.94
CA PRO A 24 -4.61 -4.04 -8.27
C PRO A 24 -5.38 -2.80 -8.71
N VAL A 25 -5.24 -1.73 -7.92
CA VAL A 25 -5.92 -0.47 -8.23
C VAL A 25 -5.29 0.17 -9.48
N GLU A 26 -5.78 1.35 -9.84
CA GLU A 26 -5.26 2.04 -11.00
C GLU A 26 -3.84 2.56 -10.74
N TYR A 27 -2.92 1.64 -10.49
CA TYR A 27 -1.53 2.01 -10.22
C TYR A 27 -0.61 1.53 -11.35
N ASP A 1 -6.26 3.09 -2.34
CA ASP A 1 -6.17 4.52 -1.92
C ASP A 1 -5.92 4.65 -0.42
N PRO A 2 -6.75 4.00 0.42
CA PRO A 2 -6.60 4.06 1.87
C PRO A 2 -5.54 3.09 2.39
N CYS A 3 -5.46 1.92 1.76
CA CYS A 3 -4.49 0.91 2.16
C CYS A 3 -3.07 1.47 2.13
N TYR A 4 -2.65 1.92 0.95
CA TYR A 4 -1.32 2.48 0.78
C TYR A 4 -1.01 3.54 1.82
N GLU A 5 -1.72 4.67 1.75
CA GLU A 5 -1.51 5.77 2.69
C GLU A 5 -1.43 5.24 4.13
N VAL A 6 -2.38 4.38 4.50
CA VAL A 6 -2.39 3.81 5.83
C VAL A 6 -1.04 3.18 6.14
N CYS A 7 -0.49 2.48 5.15
CA CYS A 7 0.82 1.85 5.30
C CYS A 7 1.91 2.91 5.34
N LEU A 8 1.77 3.92 4.49
CA LEU A 8 2.72 5.01 4.43
C LEU A 8 2.77 5.75 5.75
N GLN A 9 1.69 5.67 6.51
CA GLN A 9 1.61 6.33 7.80
C GLN A 9 2.55 5.67 8.81
N GLN A 10 3.84 5.68 8.49
CA GLN A 10 4.85 5.09 9.35
C GLN A 10 4.66 3.58 9.46
N HIS A 11 4.32 2.94 8.35
CA HIS A 11 4.12 1.49 8.34
C HIS A 11 5.01 0.80 7.31
N GLY A 12 4.68 0.95 6.04
CA GLY A 12 5.47 0.33 4.98
C GLY A 12 5.21 0.93 3.62
N ASN A 13 6.20 0.81 2.74
CA ASN A 13 6.11 1.35 1.38
C ASN A 13 5.44 0.34 0.45
N VAL A 14 5.57 0.59 -0.85
CA VAL A 14 5.01 -0.28 -1.87
C VAL A 14 5.47 -1.73 -1.68
N LYS A 15 6.57 -2.10 -2.34
CA LYS A 15 7.15 -3.45 -2.27
C LYS A 15 6.25 -4.46 -1.54
N GLU A 16 6.35 -4.49 -0.21
CA GLU A 16 5.58 -5.42 0.61
C GLU A 16 4.08 -5.10 0.62
N CYS A 17 3.72 -4.04 1.33
CA CYS A 17 2.32 -3.64 1.46
C CYS A 17 1.57 -3.72 0.12
N GLU A 18 2.29 -3.49 -0.96
CA GLU A 18 1.69 -3.55 -2.28
C GLU A 18 1.28 -4.98 -2.62
N GLU A 19 2.25 -5.89 -2.57
CA GLU A 19 1.98 -7.30 -2.87
C GLU A 19 1.13 -7.94 -1.77
N ALA A 20 1.15 -7.34 -0.58
CA ALA A 20 0.38 -7.85 0.53
C ALA A 20 -1.05 -7.31 0.52
N CYS A 21 -1.22 -6.12 -0.06
CA CYS A 21 -2.55 -5.51 -0.14
C CYS A 21 -3.24 -5.86 -1.45
N LYS A 22 -2.44 -6.05 -2.51
CA LYS A 22 -2.95 -6.40 -3.83
C LYS A 22 -4.24 -5.64 -4.15
N HIS A 23 -4.25 -4.35 -3.83
CA HIS A 23 -5.40 -3.50 -4.08
C HIS A 23 -5.61 -3.26 -5.58
N PRO A 24 -6.69 -3.82 -6.16
CA PRO A 24 -6.97 -3.65 -7.59
C PRO A 24 -7.53 -2.28 -7.92
N VAL A 25 -6.63 -1.38 -8.26
CA VAL A 25 -7.00 -0.02 -8.61
C VAL A 25 -6.13 0.45 -9.78
N GLU A 26 -6.07 1.76 -9.99
CA GLU A 26 -5.26 2.30 -11.07
C GLU A 26 -3.78 2.21 -10.74
N TYR A 27 -3.32 1.00 -10.39
CA TYR A 27 -1.92 0.78 -10.05
C TYR A 27 -1.64 -0.70 -9.78
N ASP A 1 -5.16 6.84 -3.89
CA ASP A 1 -4.36 5.74 -3.29
C ASP A 1 -4.60 5.64 -1.78
N PRO A 2 -5.78 5.14 -1.39
CA PRO A 2 -6.14 4.99 0.03
C PRO A 2 -5.28 3.94 0.73
N CYS A 3 -5.20 2.76 0.14
CA CYS A 3 -4.42 1.66 0.72
C CYS A 3 -2.97 2.07 0.90
N TYR A 4 -2.35 2.55 -0.17
CA TYR A 4 -0.95 2.97 -0.13
C TYR A 4 -0.71 3.98 0.99
N GLU A 5 -1.28 5.16 0.85
CA GLU A 5 -1.13 6.21 1.86
C GLU A 5 -1.40 5.66 3.26
N VAL A 6 -2.55 5.01 3.44
CA VAL A 6 -2.89 4.43 4.73
C VAL A 6 -1.74 3.59 5.24
N CYS A 7 -1.06 2.92 4.31
CA CYS A 7 0.11 2.11 4.63
C CYS A 7 1.27 3.01 5.03
N LEU A 8 1.54 3.99 4.17
CA LEU A 8 2.61 4.95 4.37
C LEU A 8 2.51 5.61 5.74
N GLN A 9 1.30 5.68 6.27
CA GLN A 9 1.06 6.31 7.58
C GLN A 9 2.25 6.09 8.52
N GLN A 10 2.56 4.83 8.81
CA GLN A 10 3.67 4.50 9.69
C GLN A 10 4.19 3.08 9.45
N HIS A 11 4.11 2.61 8.21
CA HIS A 11 4.57 1.26 7.90
C HIS A 11 4.63 0.99 6.41
N GLY A 12 5.54 0.11 6.01
CA GLY A 12 5.69 -0.26 4.61
C GLY A 12 5.84 0.94 3.69
N ASN A 13 6.18 0.67 2.43
CA ASN A 13 6.36 1.70 1.44
C ASN A 13 5.80 1.26 0.09
N VAL A 14 6.57 0.44 -0.62
CA VAL A 14 6.16 -0.05 -1.93
C VAL A 14 6.09 -1.58 -1.96
N LYS A 15 7.26 -2.21 -2.14
CA LYS A 15 7.37 -3.67 -2.21
C LYS A 15 6.44 -4.38 -1.23
N GLU A 16 6.74 -4.27 0.05
CA GLU A 16 5.95 -4.92 1.09
C GLU A 16 4.45 -4.72 0.87
N CYS A 17 3.98 -3.51 1.14
CA CYS A 17 2.57 -3.19 1.00
C CYS A 17 2.05 -3.48 -0.41
N GLU A 18 2.95 -3.53 -1.39
CA GLU A 18 2.55 -3.81 -2.76
C GLU A 18 1.91 -5.18 -2.85
N GLU A 19 2.66 -6.21 -2.46
CA GLU A 19 2.14 -7.58 -2.49
C GLU A 19 1.06 -7.74 -1.44
N ALA A 20 1.20 -7.02 -0.33
CA ALA A 20 0.22 -7.08 0.74
C ALA A 20 -1.07 -6.39 0.30
N CYS A 21 -0.95 -5.47 -0.65
CA CYS A 21 -2.10 -4.74 -1.16
C CYS A 21 -2.04 -4.64 -2.68
N LYS A 22 -1.74 -5.76 -3.34
CA LYS A 22 -1.65 -5.79 -4.80
C LYS A 22 -3.02 -5.99 -5.45
N HIS A 23 -4.08 -5.60 -4.75
CA HIS A 23 -5.43 -5.74 -5.28
C HIS A 23 -5.73 -4.63 -6.27
N PRO A 24 -6.64 -4.87 -7.23
CA PRO A 24 -7.00 -3.88 -8.25
C PRO A 24 -7.84 -2.75 -7.68
N VAL A 25 -7.28 -2.04 -6.71
CA VAL A 25 -7.96 -0.92 -6.09
C VAL A 25 -7.54 0.39 -6.76
N GLU A 26 -7.84 1.50 -6.13
CA GLU A 26 -7.47 2.80 -6.68
C GLU A 26 -5.98 3.05 -6.54
N TYR A 27 -5.16 2.17 -7.12
CA TYR A 27 -3.71 2.30 -7.05
C TYR A 27 -3.23 2.21 -5.61
N ASP A 1 -6.19 5.80 -2.37
CA ASP A 1 -6.78 4.75 -1.50
C ASP A 1 -6.27 4.86 -0.07
N PRO A 2 -7.09 4.46 0.91
CA PRO A 2 -6.70 4.51 2.33
C PRO A 2 -5.63 3.50 2.68
N CYS A 3 -5.65 2.35 1.99
CA CYS A 3 -4.68 1.30 2.23
C CYS A 3 -3.26 1.82 2.10
N TYR A 4 -2.98 2.45 0.97
CA TYR A 4 -1.64 3.00 0.71
C TYR A 4 -1.19 3.94 1.81
N GLU A 5 -1.85 5.09 1.92
CA GLU A 5 -1.49 6.09 2.95
C GLU A 5 -1.43 5.45 4.34
N VAL A 6 -2.49 4.74 4.72
CA VAL A 6 -2.53 4.07 6.02
C VAL A 6 -1.26 3.23 6.20
N CYS A 7 -0.83 2.65 5.09
CA CYS A 7 0.38 1.83 5.07
C CYS A 7 1.60 2.72 5.27
N LEU A 8 1.69 3.75 4.43
CA LEU A 8 2.77 4.70 4.48
C LEU A 8 3.00 5.22 5.89
N GLN A 9 1.92 5.33 6.64
CA GLN A 9 1.99 5.80 8.02
C GLN A 9 3.14 5.17 8.78
N GLN A 10 3.23 3.84 8.72
CA GLN A 10 4.29 3.10 9.40
C GLN A 10 4.57 1.76 8.72
N HIS A 11 4.78 1.79 7.41
CA HIS A 11 5.06 0.57 6.66
C HIS A 11 6.21 0.77 5.68
N GLY A 12 5.95 1.54 4.62
CA GLY A 12 6.98 1.78 3.63
C GLY A 12 6.41 2.20 2.28
N ASN A 13 7.20 2.03 1.23
CA ASN A 13 6.78 2.38 -0.11
C ASN A 13 5.94 1.28 -0.74
N VAL A 14 5.78 1.36 -2.06
CA VAL A 14 5.03 0.38 -2.82
C VAL A 14 5.48 -1.04 -2.51
N LYS A 15 6.46 -1.54 -3.28
CA LYS A 15 7.04 -2.87 -3.12
C LYS A 15 6.23 -3.79 -2.19
N GLU A 16 6.84 -4.19 -1.06
CA GLU A 16 6.18 -5.07 -0.10
C GLU A 16 4.74 -4.64 0.19
N CYS A 17 4.58 -3.45 0.75
CA CYS A 17 3.26 -2.94 1.07
C CYS A 17 2.30 -3.10 -0.10
N GLU A 18 2.83 -3.07 -1.32
CA GLU A 18 2.00 -3.22 -2.51
C GLU A 18 1.31 -4.58 -2.49
N GLU A 19 2.09 -5.63 -2.30
CA GLU A 19 1.56 -6.98 -2.24
C GLU A 19 0.72 -7.17 -0.98
N ALA A 20 1.05 -6.39 0.06
CA ALA A 20 0.32 -6.47 1.32
C ALA A 20 -1.01 -5.75 1.25
N CYS A 21 -1.07 -4.68 0.47
CA CYS A 21 -2.30 -3.90 0.31
C CYS A 21 -3.30 -4.63 -0.61
N LYS A 22 -2.76 -5.47 -1.49
CA LYS A 22 -3.59 -6.24 -2.42
C LYS A 22 -4.66 -5.36 -3.06
N HIS A 23 -4.24 -4.24 -3.63
CA HIS A 23 -5.16 -3.31 -4.28
C HIS A 23 -4.79 -3.12 -5.75
N PRO A 24 -5.48 -3.85 -6.66
CA PRO A 24 -5.21 -3.76 -8.11
C PRO A 24 -5.62 -2.41 -8.69
N VAL A 25 -4.95 -1.35 -8.23
CA VAL A 25 -5.24 -0.01 -8.70
C VAL A 25 -4.53 0.24 -10.03
N GLU A 26 -4.48 1.51 -10.45
CA GLU A 26 -3.83 1.87 -11.70
C GLU A 26 -2.31 1.73 -11.57
N TYR A 27 -1.85 0.50 -11.33
CA TYR A 27 -0.42 0.24 -11.20
C TYR A 27 0.00 -0.94 -12.06
N ASP A 1 -6.68 7.02 -2.33
CA ASP A 1 -6.15 5.68 -1.98
C ASP A 1 -5.81 5.58 -0.49
N PRO A 2 -6.79 5.19 0.34
CA PRO A 2 -6.60 5.06 1.78
C PRO A 2 -5.68 3.89 2.15
N CYS A 3 -5.65 2.88 1.29
CA CYS A 3 -4.81 1.72 1.52
C CYS A 3 -3.34 2.08 1.54
N TYR A 4 -2.90 2.76 0.49
CA TYR A 4 -1.51 3.18 0.38
C TYR A 4 -1.06 4.01 1.59
N GLU A 5 -1.75 5.12 1.84
CA GLU A 5 -1.41 5.99 2.97
C GLU A 5 -1.40 5.21 4.28
N VAL A 6 -2.45 4.41 4.51
CA VAL A 6 -2.52 3.61 5.73
C VAL A 6 -1.26 2.77 5.88
N CYS A 7 -0.84 2.17 4.77
CA CYS A 7 0.37 1.36 4.73
C CYS A 7 1.56 2.26 5.03
N LEU A 8 1.81 3.15 4.08
CA LEU A 8 2.89 4.12 4.16
C LEU A 8 2.98 4.71 5.55
N GLN A 9 1.83 4.86 6.19
CA GLN A 9 1.76 5.42 7.54
C GLN A 9 2.76 4.74 8.47
N GLN A 10 2.75 3.41 8.47
CA GLN A 10 3.66 2.64 9.31
C GLN A 10 3.94 1.27 8.70
N HIS A 11 4.28 1.26 7.41
CA HIS A 11 4.58 0.01 6.71
C HIS A 11 5.50 0.26 5.51
N GLY A 12 5.62 -0.73 4.64
CA GLY A 12 6.47 -0.61 3.47
C GLY A 12 6.12 0.62 2.64
N ASN A 13 7.06 1.02 1.78
CA ASN A 13 6.86 2.18 0.93
C ASN A 13 6.06 1.81 -0.32
N VAL A 14 6.71 1.08 -1.23
CA VAL A 14 6.06 0.68 -2.47
C VAL A 14 6.08 -0.84 -2.63
N LYS A 15 7.28 -1.41 -2.68
CA LYS A 15 7.42 -2.85 -2.83
C LYS A 15 6.60 -3.61 -1.79
N GLU A 16 7.05 -3.58 -0.53
CA GLU A 16 6.34 -4.25 0.54
C GLU A 16 4.94 -3.69 0.70
N CYS A 17 4.81 -2.39 0.43
CA CYS A 17 3.53 -1.71 0.54
C CYS A 17 2.52 -2.28 -0.46
N GLU A 18 3.01 -2.68 -1.62
CA GLU A 18 2.15 -3.24 -2.66
C GLU A 18 1.60 -4.59 -2.22
N GLU A 19 2.48 -5.43 -1.67
CA GLU A 19 2.08 -6.75 -1.21
C GLU A 19 1.19 -6.65 0.03
N ALA A 20 1.43 -5.62 0.83
CA ALA A 20 0.64 -5.40 2.03
C ALA A 20 -0.75 -4.87 1.70
N CYS A 21 -0.83 -4.06 0.66
CA CYS A 21 -2.11 -3.48 0.25
C CYS A 21 -2.92 -4.48 -0.57
N LYS A 22 -2.22 -5.26 -1.39
CA LYS A 22 -2.86 -6.27 -2.24
C LYS A 22 -4.11 -5.71 -2.92
N HIS A 23 -4.07 -4.43 -3.26
CA HIS A 23 -5.20 -3.77 -3.92
C HIS A 23 -4.83 -3.41 -5.36
N PRO A 24 -5.24 -4.23 -6.35
CA PRO A 24 -4.95 -3.99 -7.76
C PRO A 24 -5.66 -2.74 -8.30
N VAL A 25 -5.33 -1.58 -7.73
CA VAL A 25 -5.93 -0.33 -8.15
C VAL A 25 -5.43 0.05 -9.55
N GLU A 26 -5.82 1.23 -10.02
CA GLU A 26 -5.40 1.68 -11.34
C GLU A 26 -3.91 2.05 -11.34
N TYR A 27 -3.06 1.07 -11.05
CA TYR A 27 -1.63 1.29 -11.02
C TYR A 27 -0.94 0.56 -12.17
N ASP A 1 -11.08 3.37 1.87
CA ASP A 1 -9.98 4.22 2.40
C ASP A 1 -8.71 4.06 1.58
N PRO A 2 -7.73 4.96 1.76
CA PRO A 2 -6.47 4.92 1.03
C PRO A 2 -5.48 3.94 1.66
N CYS A 3 -5.45 2.74 1.11
CA CYS A 3 -4.56 1.69 1.60
C CYS A 3 -3.10 2.13 1.55
N TYR A 4 -2.65 2.51 0.37
CA TYR A 4 -1.28 2.96 0.18
C TYR A 4 -0.90 4.05 1.17
N GLU A 5 -1.53 5.23 1.02
CA GLU A 5 -1.26 6.36 1.91
C GLU A 5 -1.26 5.92 3.37
N VAL A 6 -2.34 5.25 3.79
CA VAL A 6 -2.43 4.77 5.16
C VAL A 6 -1.19 3.97 5.52
N CYS A 7 -0.68 3.24 4.54
CA CYS A 7 0.53 2.44 4.71
C CYS A 7 1.73 3.36 4.81
N LEU A 8 1.74 4.38 3.96
CA LEU A 8 2.80 5.37 3.93
C LEU A 8 2.92 6.09 5.26
N GLN A 9 1.77 6.25 5.93
CA GLN A 9 1.73 6.94 7.22
C GLN A 9 2.85 6.45 8.14
N GLN A 10 2.92 5.14 8.34
CA GLN A 10 3.93 4.55 9.21
C GLN A 10 4.22 3.09 8.82
N HIS A 11 4.36 2.83 7.53
CA HIS A 11 4.64 1.49 7.06
C HIS A 11 5.63 1.50 5.90
N GLY A 12 6.12 0.31 5.53
CA GLY A 12 7.06 0.20 4.44
C GLY A 12 6.51 0.75 3.13
N ASN A 13 7.39 0.87 2.14
CA ASN A 13 7.00 1.39 0.84
C ASN A 13 6.21 0.35 0.05
N VAL A 14 6.19 0.51 -1.28
CA VAL A 14 5.49 -0.41 -2.16
C VAL A 14 5.79 -1.87 -1.80
N LYS A 15 6.80 -2.45 -2.46
CA LYS A 15 7.22 -3.84 -2.23
C LYS A 15 6.29 -4.62 -1.28
N GLU A 16 6.49 -4.42 0.02
CA GLU A 16 5.69 -5.12 1.02
C GLU A 16 4.20 -4.81 0.86
N CYS A 17 3.80 -3.60 1.25
CA CYS A 17 2.40 -3.19 1.16
C CYS A 17 1.82 -3.48 -0.22
N GLU A 18 2.68 -3.54 -1.23
CA GLU A 18 2.21 -3.82 -2.59
C GLU A 18 1.51 -5.16 -2.65
N GLU A 19 2.21 -6.21 -2.22
CA GLU A 19 1.64 -7.55 -2.22
C GLU A 19 0.56 -7.64 -1.15
N ALA A 20 0.75 -6.91 -0.06
CA ALA A 20 -0.23 -6.90 1.02
C ALA A 20 -1.50 -6.18 0.56
N CYS A 21 -1.33 -5.26 -0.38
CA CYS A 21 -2.44 -4.49 -0.93
C CYS A 21 -2.33 -4.42 -2.45
N LYS A 22 -2.15 -5.58 -3.09
CA LYS A 22 -2.01 -5.65 -4.54
C LYS A 22 -3.37 -5.61 -5.23
N HIS A 23 -4.33 -4.91 -4.62
CA HIS A 23 -5.67 -4.80 -5.17
C HIS A 23 -5.65 -3.93 -6.43
N PRO A 24 -6.71 -3.98 -7.24
CA PRO A 24 -6.81 -3.20 -8.48
C PRO A 24 -6.87 -1.70 -8.22
N VAL A 25 -5.79 -1.16 -7.66
CA VAL A 25 -5.71 0.26 -7.37
C VAL A 25 -5.10 1.01 -8.55
N GLU A 26 -4.68 2.25 -8.32
CA GLU A 26 -4.07 3.04 -9.40
C GLU A 26 -2.65 2.58 -9.68
N TYR A 27 -2.51 1.31 -10.06
CA TYR A 27 -1.21 0.74 -10.37
C TYR A 27 -1.33 -0.69 -10.88
N ASP A 1 -9.31 4.00 5.13
CA ASP A 1 -9.88 3.93 3.75
C ASP A 1 -8.78 3.70 2.71
N PRO A 2 -7.72 4.51 2.74
CA PRO A 2 -6.61 4.40 1.80
C PRO A 2 -5.54 3.44 2.30
N CYS A 3 -5.58 2.22 1.77
CA CYS A 3 -4.62 1.18 2.15
C CYS A 3 -3.19 1.67 2.00
N TYR A 4 -2.80 1.98 0.77
CA TYR A 4 -1.46 2.46 0.48
C TYR A 4 -1.06 3.59 1.43
N GLU A 5 -1.77 4.72 1.35
CA GLU A 5 -1.49 5.86 2.21
C GLU A 5 -1.30 5.42 3.65
N VAL A 6 -2.23 4.61 4.16
CA VAL A 6 -2.14 4.11 5.51
C VAL A 6 -0.76 3.49 5.74
N CYS A 7 -0.30 2.75 4.74
CA CYS A 7 1.01 2.13 4.81
C CYS A 7 2.10 3.19 4.72
N LEU A 8 1.91 4.14 3.82
CA LEU A 8 2.85 5.22 3.64
C LEU A 8 3.02 6.01 4.93
N GLN A 9 2.01 5.93 5.79
CA GLN A 9 2.05 6.62 7.06
C GLN A 9 3.07 5.97 8.00
N GLN A 10 4.33 5.96 7.57
CA GLN A 10 5.42 5.37 8.34
C GLN A 10 5.24 3.87 8.50
N HIS A 11 4.81 3.20 7.43
CA HIS A 11 4.62 1.75 7.48
C HIS A 11 5.47 1.04 6.43
N GLY A 12 5.10 1.18 5.17
CA GLY A 12 5.85 0.53 4.11
C GLY A 12 5.49 1.05 2.73
N ASN A 13 6.35 0.76 1.75
CA ASN A 13 6.13 1.20 0.38
C ASN A 13 5.25 0.21 -0.38
N VAL A 14 5.20 0.39 -1.70
CA VAL A 14 4.41 -0.47 -2.56
C VAL A 14 4.79 -1.94 -2.37
N LYS A 15 5.78 -2.41 -3.14
CA LYS A 15 6.26 -3.80 -3.10
C LYS A 15 5.56 -4.67 -2.05
N GLU A 16 5.88 -4.44 -0.78
CA GLU A 16 5.30 -5.22 0.31
C GLU A 16 3.79 -5.01 0.44
N CYS A 17 3.40 -3.88 1.03
CA CYS A 17 1.98 -3.56 1.23
C CYS A 17 1.14 -3.86 -0.02
N GLU A 18 1.75 -3.78 -1.18
CA GLU A 18 1.06 -4.04 -2.43
C GLU A 18 0.58 -5.49 -2.49
N GLU A 19 1.52 -6.41 -2.34
CA GLU A 19 1.20 -7.85 -2.37
C GLU A 19 0.37 -8.23 -1.14
N ALA A 20 0.56 -7.51 -0.06
CA ALA A 20 -0.16 -7.78 1.19
C ALA A 20 -1.57 -7.18 1.15
N CYS A 21 -1.72 -6.08 0.41
CA CYS A 21 -3.01 -5.41 0.30
C CYS A 21 -3.82 -5.96 -0.88
N LYS A 22 -3.18 -6.79 -1.71
CA LYS A 22 -3.84 -7.37 -2.87
C LYS A 22 -4.64 -6.33 -3.65
N HIS A 23 -4.18 -5.09 -3.61
CA HIS A 23 -4.86 -4.00 -4.31
C HIS A 23 -4.05 -3.57 -5.54
N PRO A 24 -4.31 -4.20 -6.70
CA PRO A 24 -3.60 -3.87 -7.94
C PRO A 24 -4.03 -2.53 -8.53
N VAL A 25 -3.85 -1.47 -7.75
CA VAL A 25 -4.20 -0.14 -8.19
C VAL A 25 -3.23 0.34 -9.27
N GLU A 26 -3.41 1.55 -9.77
CA GLU A 26 -2.54 2.09 -10.81
C GLU A 26 -1.15 2.40 -10.24
N TYR A 27 -0.48 1.36 -9.74
CA TYR A 27 0.85 1.53 -9.16
C TYR A 27 0.84 2.54 -8.02
N ASP A 1 -10.61 4.45 0.03
CA ASP A 1 -9.47 4.79 0.93
C ASP A 1 -8.14 4.48 0.26
N PRO A 2 -7.09 5.25 0.60
CA PRO A 2 -5.75 5.05 0.03
C PRO A 2 -4.92 4.07 0.84
N CYS A 3 -4.89 2.84 0.39
CA CYS A 3 -4.13 1.79 1.07
C CYS A 3 -2.65 2.15 1.15
N TYR A 4 -2.07 2.50 0.01
CA TYR A 4 -0.67 2.86 -0.05
C TYR A 4 -0.32 3.94 0.97
N GLU A 5 -0.85 5.15 0.76
CA GLU A 5 -0.59 6.26 1.67
C GLU A 5 -0.84 5.86 3.12
N VAL A 6 -2.00 5.27 3.38
CA VAL A 6 -2.34 4.82 4.73
C VAL A 6 -1.20 3.98 5.29
N CYS A 7 -0.59 3.18 4.40
CA CYS A 7 0.53 2.35 4.77
C CYS A 7 1.75 3.22 5.03
N LEU A 8 2.10 4.02 4.03
CA LEU A 8 3.22 4.93 4.10
C LEU A 8 3.24 5.69 5.42
N GLN A 9 2.05 5.93 5.97
CA GLN A 9 1.92 6.63 7.24
C GLN A 9 2.89 6.08 8.28
N GLN A 10 2.86 4.77 8.49
CA GLN A 10 3.74 4.13 9.47
C GLN A 10 3.97 2.66 9.15
N HIS A 11 4.16 2.33 7.87
CA HIS A 11 4.41 0.94 7.48
C HIS A 11 5.72 0.81 6.71
N GLY A 12 5.68 1.12 5.41
CA GLY A 12 6.88 1.03 4.60
C GLY A 12 6.61 1.31 3.14
N ASN A 13 7.61 1.08 2.30
CA ASN A 13 7.48 1.31 0.87
C ASN A 13 6.56 0.29 0.22
N VAL A 14 6.63 0.21 -1.10
CA VAL A 14 5.82 -0.72 -1.88
C VAL A 14 6.04 -2.16 -1.41
N LYS A 15 7.07 -2.82 -1.96
CA LYS A 15 7.42 -4.21 -1.62
C LYS A 15 6.42 -4.89 -0.69
N GLU A 16 6.59 -4.68 0.62
CA GLU A 16 5.71 -5.30 1.63
C GLU A 16 4.24 -4.99 1.35
N CYS A 17 3.83 -3.77 1.66
CA CYS A 17 2.44 -3.36 1.45
C CYS A 17 1.97 -3.69 0.04
N GLU A 18 2.90 -3.82 -0.90
CA GLU A 18 2.55 -4.15 -2.27
C GLU A 18 1.80 -5.46 -2.33
N GLU A 19 2.42 -6.52 -1.82
CA GLU A 19 1.79 -7.83 -1.80
C GLU A 19 0.65 -7.83 -0.80
N ALA A 20 0.80 -7.05 0.26
CA ALA A 20 -0.24 -6.94 1.27
C ALA A 20 -1.46 -6.21 0.70
N CYS A 21 -1.21 -5.35 -0.28
CA CYS A 21 -2.27 -4.59 -0.92
C CYS A 21 -2.05 -4.55 -2.44
N LYS A 22 -1.83 -5.73 -3.03
CA LYS A 22 -1.60 -5.83 -4.47
C LYS A 22 -2.91 -5.80 -5.26
N HIS A 23 -3.93 -5.15 -4.72
CA HIS A 23 -5.22 -5.05 -5.39
C HIS A 23 -5.11 -4.13 -6.61
N PRO A 24 -5.65 -4.56 -7.77
CA PRO A 24 -5.60 -3.78 -9.00
C PRO A 24 -6.56 -2.60 -9.00
N VAL A 25 -6.37 -1.70 -8.04
CA VAL A 25 -7.19 -0.52 -7.92
C VAL A 25 -6.53 0.66 -8.65
N GLU A 26 -7.00 1.87 -8.39
CA GLU A 26 -6.45 3.05 -9.01
C GLU A 26 -5.08 3.39 -8.42
N TYR A 27 -4.15 2.45 -8.53
CA TYR A 27 -2.80 2.65 -8.01
C TYR A 27 -2.84 2.94 -6.51
N ASP A 1 -7.00 8.76 1.34
CA ASP A 1 -6.06 7.91 2.10
C ASP A 1 -6.55 6.46 2.15
N PRO A 2 -6.32 5.70 1.07
CA PRO A 2 -6.73 4.30 0.99
C PRO A 2 -5.69 3.36 1.59
N CYS A 3 -5.75 2.10 1.18
CA CYS A 3 -4.82 1.08 1.67
C CYS A 3 -3.37 1.56 1.57
N TYR A 4 -2.98 1.98 0.38
CA TYR A 4 -1.61 2.43 0.14
C TYR A 4 -1.20 3.53 1.13
N GLU A 5 -1.82 4.70 0.98
CA GLU A 5 -1.51 5.84 1.87
C GLU A 5 -1.59 5.41 3.34
N VAL A 6 -2.69 4.76 3.71
CA VAL A 6 -2.86 4.28 5.08
C VAL A 6 -1.62 3.51 5.49
N CYS A 7 -1.06 2.76 4.54
CA CYS A 7 0.15 1.99 4.78
C CYS A 7 1.33 2.93 4.92
N LEU A 8 1.50 3.79 3.92
CA LEU A 8 2.58 4.76 3.89
C LEU A 8 2.68 5.52 5.21
N GLN A 9 1.54 5.68 5.88
CA GLN A 9 1.51 6.38 7.16
C GLN A 9 2.63 5.90 8.07
N GLN A 10 2.67 4.59 8.31
CA GLN A 10 3.71 4.01 9.16
C GLN A 10 3.90 2.52 8.88
N HIS A 11 3.95 2.15 7.59
CA HIS A 11 4.15 0.75 7.23
C HIS A 11 5.26 0.59 6.20
N GLY A 12 4.93 0.76 4.91
CA GLY A 12 5.92 0.61 3.88
C GLY A 12 5.66 1.51 2.69
N ASN A 13 6.39 1.27 1.60
CA ASN A 13 6.24 2.07 0.39
C ASN A 13 5.42 1.31 -0.66
N VAL A 14 6.09 0.40 -1.37
CA VAL A 14 5.43 -0.38 -2.40
C VAL A 14 5.54 -1.89 -2.13
N LYS A 15 6.62 -2.50 -2.62
CA LYS A 15 6.87 -3.95 -2.46
C LYS A 15 6.10 -4.57 -1.31
N GLU A 16 6.51 -4.26 -0.08
CA GLU A 16 5.87 -4.80 1.12
C GLU A 16 4.35 -4.76 1.03
N CYS A 17 3.79 -3.56 1.24
CA CYS A 17 2.34 -3.38 1.21
C CYS A 17 1.75 -3.80 -0.14
N GLU A 18 2.60 -3.94 -1.16
CA GLU A 18 2.12 -4.34 -2.47
C GLU A 18 1.51 -5.74 -2.40
N GLU A 19 2.32 -6.71 -2.02
CA GLU A 19 1.83 -8.08 -1.89
C GLU A 19 0.91 -8.18 -0.69
N ALA A 20 1.18 -7.37 0.33
CA ALA A 20 0.36 -7.36 1.52
C ALA A 20 -1.00 -6.75 1.22
N CYS A 21 -1.02 -5.86 0.22
CA CYS A 21 -2.25 -5.21 -0.19
C CYS A 21 -2.29 -5.07 -1.71
N LYS A 22 -2.12 -6.19 -2.41
CA LYS A 22 -2.11 -6.19 -3.88
C LYS A 22 -3.53 -6.09 -4.46
N HIS A 23 -4.47 -5.56 -3.67
CA HIS A 23 -5.84 -5.41 -4.13
C HIS A 23 -5.97 -4.22 -5.09
N PRO A 24 -5.68 -3.00 -4.60
CA PRO A 24 -5.76 -1.79 -5.42
C PRO A 24 -4.76 -1.80 -6.57
N VAL A 25 -5.27 -1.69 -7.79
CA VAL A 25 -4.43 -1.68 -8.97
C VAL A 25 -3.63 -0.38 -9.01
N GLU A 26 -3.14 -0.01 -10.18
CA GLU A 26 -2.35 1.21 -10.32
C GLU A 26 -3.24 2.45 -10.17
N TYR A 27 -4.03 2.50 -9.10
CA TYR A 27 -4.91 3.64 -8.85
C TYR A 27 -5.91 3.80 -9.99
N ASP A 1 -5.93 6.69 -1.83
CA ASP A 1 -6.48 5.47 -1.18
C ASP A 1 -6.09 5.41 0.29
N PRO A 2 -6.96 4.83 1.15
CA PRO A 2 -6.69 4.71 2.59
C PRO A 2 -5.62 3.67 2.90
N CYS A 3 -5.75 2.51 2.27
CA CYS A 3 -4.79 1.42 2.47
C CYS A 3 -3.36 1.88 2.27
N TYR A 4 -3.08 2.39 1.07
CA TYR A 4 -1.74 2.87 0.73
C TYR A 4 -1.23 3.87 1.76
N GLU A 5 -1.87 5.03 1.83
CA GLU A 5 -1.49 6.07 2.78
C GLU A 5 -1.32 5.50 4.18
N VAL A 6 -2.34 4.80 4.67
CA VAL A 6 -2.29 4.19 6.00
C VAL A 6 -0.99 3.40 6.16
N CYS A 7 -0.60 2.72 5.09
CA CYS A 7 0.63 1.93 5.09
C CYS A 7 1.83 2.87 5.10
N LEU A 8 1.79 3.87 4.24
CA LEU A 8 2.84 4.85 4.12
C LEU A 8 3.10 5.54 5.46
N GLN A 9 2.04 5.68 6.25
CA GLN A 9 2.15 6.33 7.56
C GLN A 9 3.38 5.82 8.32
N GLN A 10 3.50 4.51 8.46
CA GLN A 10 4.63 3.91 9.17
C GLN A 10 4.90 2.49 8.67
N HIS A 11 5.00 2.34 7.35
CA HIS A 11 5.25 1.03 6.76
C HIS A 11 6.02 1.16 5.44
N GLY A 12 6.06 0.07 4.67
CA GLY A 12 6.75 0.09 3.40
C GLY A 12 6.26 1.19 2.48
N ASN A 13 6.96 1.38 1.36
CA ASN A 13 6.59 2.41 0.40
C ASN A 13 5.63 1.87 -0.65
N VAL A 14 6.14 1.02 -1.54
CA VAL A 14 5.32 0.45 -2.60
C VAL A 14 5.39 -1.07 -2.61
N LYS A 15 6.57 -1.59 -2.90
CA LYS A 15 6.80 -3.04 -2.95
C LYS A 15 6.09 -3.79 -1.84
N GLU A 16 6.58 -3.65 -0.62
CA GLU A 16 6.00 -4.33 0.54
C GLU A 16 4.50 -4.05 0.67
N CYS A 17 4.17 -2.79 0.96
CA CYS A 17 2.79 -2.38 1.12
C CYS A 17 1.90 -2.86 -0.03
N GLU A 18 2.48 -3.01 -1.21
CA GLU A 18 1.73 -3.48 -2.37
C GLU A 18 1.28 -4.92 -2.17
N GLU A 19 2.20 -5.78 -1.77
CA GLU A 19 1.90 -7.17 -1.53
C GLU A 19 0.98 -7.31 -0.31
N ALA A 20 1.12 -6.40 0.64
CA ALA A 20 0.31 -6.43 1.85
C ALA A 20 -1.13 -5.99 1.55
N CYS A 21 -1.27 -5.00 0.68
CA CYS A 21 -2.59 -4.50 0.31
C CYS A 21 -3.19 -5.32 -0.83
N LYS A 22 -2.33 -5.89 -1.66
CA LYS A 22 -2.76 -6.70 -2.79
C LYS A 22 -3.91 -6.05 -3.55
N HIS A 23 -3.86 -4.73 -3.67
CA HIS A 23 -4.90 -3.98 -4.37
C HIS A 23 -4.40 -3.51 -5.73
N PRO A 24 -4.78 -4.19 -6.82
CA PRO A 24 -4.35 -3.83 -8.17
C PRO A 24 -4.99 -2.53 -8.66
N VAL A 25 -4.72 -1.44 -7.94
CA VAL A 25 -5.25 -0.15 -8.29
C VAL A 25 -4.51 0.41 -9.51
N GLU A 26 -4.69 1.71 -9.78
CA GLU A 26 -4.02 2.33 -10.91
C GLU A 26 -2.58 2.72 -10.55
N TYR A 27 -1.81 1.73 -10.10
CA TYR A 27 -0.42 1.97 -9.73
C TYR A 27 0.53 1.64 -10.89
N ASP A 1 -9.86 4.38 3.70
CA ASP A 1 -10.21 4.46 2.25
C ASP A 1 -9.00 4.19 1.36
N PRO A 2 -7.88 4.89 1.60
CA PRO A 2 -6.66 4.72 0.83
C PRO A 2 -5.73 3.68 1.44
N CYS A 3 -5.74 2.49 0.86
CA CYS A 3 -4.92 1.39 1.33
C CYS A 3 -3.44 1.79 1.37
N TYR A 4 -2.94 2.31 0.25
CA TYR A 4 -1.56 2.73 0.16
C TYR A 4 -1.19 3.66 1.32
N GLU A 5 -1.87 4.80 1.42
CA GLU A 5 -1.60 5.76 2.49
C GLU A 5 -1.58 5.06 3.84
N VAL A 6 -2.60 4.24 4.11
CA VAL A 6 -2.67 3.50 5.37
C VAL A 6 -1.37 2.73 5.57
N CYS A 7 -0.84 2.23 4.47
CA CYS A 7 0.43 1.50 4.50
C CYS A 7 1.55 2.48 4.80
N LEU A 8 1.64 3.49 3.97
CA LEU A 8 2.62 4.54 4.11
C LEU A 8 2.64 5.08 5.53
N GLN A 9 1.51 4.94 6.23
CA GLN A 9 1.40 5.42 7.60
C GLN A 9 2.27 4.59 8.53
N GLN A 10 3.58 4.57 8.27
CA GLN A 10 4.54 3.84 9.07
C GLN A 10 4.34 2.33 8.94
N HIS A 11 4.11 1.88 7.70
CA HIS A 11 3.93 0.44 7.46
C HIS A 11 4.86 -0.05 6.36
N GLY A 12 4.62 0.41 5.13
CA GLY A 12 5.45 -0.01 4.01
C GLY A 12 5.44 0.99 2.87
N ASN A 13 6.34 0.79 1.91
CA ASN A 13 6.43 1.68 0.77
C ASN A 13 5.69 1.11 -0.45
N VAL A 14 6.37 0.25 -1.22
CA VAL A 14 5.78 -0.34 -2.40
C VAL A 14 5.95 -1.85 -2.43
N LYS A 15 7.17 -2.31 -2.22
CA LYS A 15 7.49 -3.73 -2.24
C LYS A 15 6.47 -4.55 -1.42
N GLU A 16 6.82 -4.92 -0.19
CA GLU A 16 5.92 -5.69 0.66
C GLU A 16 4.63 -4.91 0.90
N CYS A 17 4.75 -3.58 0.86
CA CYS A 17 3.62 -2.71 1.07
C CYS A 17 2.52 -2.99 0.05
N GLU A 18 2.91 -3.24 -1.19
CA GLU A 18 1.96 -3.54 -2.26
C GLU A 18 1.32 -4.91 -2.04
N GLU A 19 2.15 -5.89 -1.72
CA GLU A 19 1.67 -7.24 -1.48
C GLU A 19 0.78 -7.29 -0.24
N ALA A 20 0.97 -6.33 0.66
CA ALA A 20 0.18 -6.27 1.89
C ALA A 20 -1.11 -5.49 1.66
N CYS A 21 -1.15 -4.70 0.60
CA CYS A 21 -2.33 -3.90 0.28
C CYS A 21 -3.15 -4.55 -0.85
N LYS A 22 -2.45 -5.17 -1.80
CA LYS A 22 -3.10 -5.83 -2.92
C LYS A 22 -4.31 -5.05 -3.43
N HIS A 23 -4.12 -3.75 -3.58
CA HIS A 23 -5.18 -2.87 -4.05
C HIS A 23 -5.26 -2.88 -5.58
N PRO A 24 -6.40 -3.29 -6.15
CA PRO A 24 -6.58 -3.34 -7.60
C PRO A 24 -6.83 -1.96 -8.19
N VAL A 25 -5.89 -1.06 -7.99
CA VAL A 25 -5.99 0.29 -8.50
C VAL A 25 -5.25 0.39 -9.84
N GLU A 26 -4.98 1.61 -10.29
CA GLU A 26 -4.28 1.83 -11.55
C GLU A 26 -2.80 1.47 -11.40
N TYR A 27 -2.54 0.20 -11.07
CA TYR A 27 -1.16 -0.26 -10.89
C TYR A 27 -0.94 -1.57 -11.65
N ASP A 1 -4.71 6.99 -3.74
CA ASP A 1 -4.25 5.68 -3.25
C ASP A 1 -4.47 5.53 -1.74
N PRO A 2 -5.69 5.16 -1.32
CA PRO A 2 -6.02 4.99 0.09
C PRO A 2 -5.12 3.96 0.78
N CYS A 3 -5.10 2.75 0.24
CA CYS A 3 -4.29 1.67 0.79
C CYS A 3 -2.84 2.09 0.96
N TYR A 4 -2.23 2.54 -0.14
CA TYR A 4 -0.85 2.97 -0.13
C TYR A 4 -0.61 4.04 0.93
N GLU A 5 -1.18 5.23 0.71
CA GLU A 5 -1.02 6.35 1.64
C GLU A 5 -1.24 5.89 3.09
N VAL A 6 -2.35 5.19 3.33
CA VAL A 6 -2.66 4.69 4.66
C VAL A 6 -1.48 3.86 5.17
N CYS A 7 -0.87 3.12 4.25
CA CYS A 7 0.28 2.29 4.57
C CYS A 7 1.49 3.18 4.85
N LEU A 8 1.60 4.24 4.08
CA LEU A 8 2.69 5.20 4.21
C LEU A 8 2.65 5.89 5.57
N GLN A 9 1.44 6.08 6.09
CA GLN A 9 1.24 6.74 7.38
C GLN A 9 2.26 6.22 8.40
N GLN A 10 2.26 4.91 8.62
CA GLN A 10 3.17 4.30 9.57
C GLN A 10 3.41 2.83 9.22
N HIS A 11 3.62 2.54 7.93
CA HIS A 11 3.86 1.17 7.50
C HIS A 11 4.90 1.12 6.37
N GLY A 12 4.97 -0.03 5.70
CA GLY A 12 5.93 -0.20 4.62
C GLY A 12 5.83 0.91 3.57
N ASN A 13 6.63 0.78 2.52
CA ASN A 13 6.64 1.76 1.44
C ASN A 13 6.02 1.21 0.17
N VAL A 14 6.79 0.38 -0.53
CA VAL A 14 6.33 -0.21 -1.78
C VAL A 14 6.32 -1.73 -1.70
N LYS A 15 7.50 -2.34 -1.78
CA LYS A 15 7.66 -3.79 -1.75
C LYS A 15 6.64 -4.47 -0.83
N GLU A 16 6.79 -4.28 0.47
CA GLU A 16 5.89 -4.89 1.46
C GLU A 16 4.41 -4.68 1.09
N CYS A 17 3.91 -3.48 1.34
CA CYS A 17 2.51 -3.16 1.09
C CYS A 17 2.10 -3.48 -0.36
N GLU A 18 3.07 -3.58 -1.25
CA GLU A 18 2.77 -3.89 -2.65
C GLU A 18 2.14 -5.27 -2.76
N GLU A 19 2.84 -6.28 -2.26
CA GLU A 19 2.34 -7.63 -2.29
C GLU A 19 1.17 -7.77 -1.32
N ALA A 20 1.24 -7.04 -0.21
CA ALA A 20 0.18 -7.06 0.79
C ALA A 20 -1.06 -6.36 0.25
N CYS A 21 -0.87 -5.42 -0.66
CA CYS A 21 -1.96 -4.67 -1.25
C CYS A 21 -1.86 -4.69 -2.78
N LYS A 22 -1.49 -5.84 -3.34
CA LYS A 22 -1.35 -6.00 -4.77
C LYS A 22 -2.69 -6.13 -5.48
N HIS A 23 -3.74 -5.61 -4.87
CA HIS A 23 -5.07 -5.68 -5.45
C HIS A 23 -5.40 -4.40 -6.21
N PRO A 24 -6.24 -4.50 -7.25
CA PRO A 24 -6.63 -3.34 -8.07
C PRO A 24 -7.49 -2.35 -7.29
N VAL A 25 -6.91 -1.76 -6.25
CA VAL A 25 -7.62 -0.78 -5.44
C VAL A 25 -7.60 0.58 -6.12
N GLU A 26 -7.93 1.63 -5.37
CA GLU A 26 -7.94 2.98 -5.91
C GLU A 26 -6.53 3.55 -5.98
N TYR A 27 -5.64 2.85 -6.68
CA TYR A 27 -4.26 3.31 -6.81
C TYR A 27 -3.63 2.78 -8.10
N ASP A 1 -6.52 4.60 -3.40
CA ASP A 1 -5.63 5.67 -2.89
C ASP A 1 -5.31 5.47 -1.41
N PRO A 2 -6.34 5.29 -0.56
CA PRO A 2 -6.16 5.09 0.87
C PRO A 2 -5.17 3.96 1.19
N CYS A 3 -5.16 2.94 0.33
CA CYS A 3 -4.27 1.80 0.50
C CYS A 3 -2.84 2.24 0.79
N TYR A 4 -2.15 2.71 -0.26
CA TYR A 4 -0.77 3.14 -0.14
C TYR A 4 -0.56 4.08 1.04
N GLU A 5 -1.22 5.24 1.00
CA GLU A 5 -1.10 6.23 2.07
C GLU A 5 -1.28 5.58 3.45
N VAL A 6 -2.37 4.84 3.61
CA VAL A 6 -2.64 4.17 4.88
C VAL A 6 -1.42 3.39 5.35
N CYS A 7 -0.80 2.66 4.43
CA CYS A 7 0.40 1.88 4.74
C CYS A 7 1.56 2.82 5.05
N LEU A 8 1.73 3.82 4.20
CA LEU A 8 2.79 4.81 4.36
C LEU A 8 2.74 5.46 5.73
N GLN A 9 1.52 5.69 6.21
CA GLN A 9 1.30 6.32 7.50
C GLN A 9 2.17 5.69 8.59
N GLN A 10 2.23 4.36 8.60
CA GLN A 10 3.04 3.65 9.60
C GLN A 10 3.49 2.28 9.08
N HIS A 11 4.07 2.27 7.89
CA HIS A 11 4.55 1.03 7.29
C HIS A 11 5.66 1.30 6.28
N GLY A 12 6.34 0.24 5.86
CA GLY A 12 7.42 0.38 4.89
C GLY A 12 6.93 0.90 3.55
N ASN A 13 7.86 1.09 2.62
CA ASN A 13 7.53 1.59 1.29
C ASN A 13 6.70 0.57 0.52
N VAL A 14 6.67 0.74 -0.80
CA VAL A 14 5.93 -0.16 -1.67
C VAL A 14 6.23 -1.63 -1.34
N LYS A 15 7.26 -2.19 -1.97
CA LYS A 15 7.67 -3.59 -1.76
C LYS A 15 6.70 -4.38 -0.90
N GLU A 16 6.83 -4.25 0.42
CA GLU A 16 5.96 -4.97 1.36
C GLU A 16 4.50 -4.55 1.17
N CYS A 17 4.21 -3.27 1.42
CA CYS A 17 2.85 -2.76 1.29
C CYS A 17 2.24 -3.15 -0.04
N GLU A 18 3.08 -3.27 -1.07
CA GLU A 18 2.62 -3.65 -2.40
C GLU A 18 1.91 -4.99 -2.37
N GLU A 19 2.67 -6.05 -2.07
CA GLU A 19 2.10 -7.40 -2.03
C GLU A 19 1.00 -7.48 -0.97
N ALA A 20 1.16 -6.70 0.10
CA ALA A 20 0.19 -6.68 1.17
C ALA A 20 -1.10 -6.01 0.69
N CYS A 21 -0.97 -5.14 -0.30
CA CYS A 21 -2.12 -4.43 -0.86
C CYS A 21 -2.02 -4.37 -2.38
N LYS A 22 -1.74 -5.52 -3.00
CA LYS A 22 -1.61 -5.59 -4.45
C LYS A 22 -2.98 -5.75 -5.13
N HIS A 23 -4.04 -5.29 -4.47
CA HIS A 23 -5.38 -5.38 -5.04
C HIS A 23 -5.57 -4.36 -6.14
N PRO A 24 -6.42 -4.65 -7.14
CA PRO A 24 -6.69 -3.74 -8.26
C PRO A 24 -7.46 -2.50 -7.82
N VAL A 25 -6.87 -1.73 -6.92
CA VAL A 25 -7.49 -0.51 -6.43
C VAL A 25 -7.27 0.64 -7.42
N GLU A 26 -7.58 1.86 -7.00
CA GLU A 26 -7.40 3.03 -7.85
C GLU A 26 -5.92 3.36 -8.01
N TYR A 27 -5.16 2.42 -8.58
CA TYR A 27 -3.74 2.61 -8.79
C TYR A 27 -3.17 1.56 -9.75
N ASP A 1 -7.00 3.97 -1.13
CA ASP A 1 -6.34 5.12 -0.46
C ASP A 1 -6.08 4.83 1.01
N PRO A 2 -7.11 4.41 1.77
CA PRO A 2 -6.98 4.10 3.19
C PRO A 2 -5.82 3.15 3.48
N CYS A 3 -5.86 1.98 2.86
CA CYS A 3 -4.80 0.98 3.05
C CYS A 3 -3.42 1.59 2.84
N TYR A 4 -3.15 2.05 1.61
CA TYR A 4 -1.86 2.64 1.29
C TYR A 4 -1.48 3.71 2.30
N GLU A 5 -2.25 4.80 2.34
CA GLU A 5 -1.99 5.90 3.26
C GLU A 5 -1.69 5.38 4.67
N VAL A 6 -2.55 4.49 5.17
CA VAL A 6 -2.34 3.92 6.49
C VAL A 6 -0.94 3.31 6.59
N CYS A 7 -0.52 2.68 5.50
CA CYS A 7 0.80 2.07 5.43
C CYS A 7 1.87 3.16 5.38
N LEU A 8 1.59 4.20 4.60
CA LEU A 8 2.49 5.32 4.43
C LEU A 8 2.79 5.96 5.79
N GLN A 9 1.80 5.95 6.67
CA GLN A 9 1.94 6.54 8.00
C GLN A 9 3.26 6.14 8.64
N GLN A 10 3.53 4.84 8.69
CA GLN A 10 4.77 4.33 9.28
C GLN A 10 5.16 2.98 8.68
N HIS A 11 5.17 2.89 7.36
CA HIS A 11 5.54 1.64 6.68
C HIS A 11 6.22 1.92 5.35
N GLY A 12 6.58 0.86 4.64
CA GLY A 12 7.24 1.00 3.36
C GLY A 12 6.32 1.48 2.27
N ASN A 13 6.84 1.62 1.06
CA ASN A 13 6.05 2.08 -0.08
C ASN A 13 5.16 0.97 -0.62
N VAL A 14 4.64 1.18 -1.82
CA VAL A 14 3.77 0.21 -2.48
C VAL A 14 4.33 -1.21 -2.37
N LYS A 15 5.23 -1.57 -3.30
CA LYS A 15 5.86 -2.89 -3.35
C LYS A 15 5.32 -3.87 -2.30
N GLU A 16 5.79 -3.75 -1.07
CA GLU A 16 5.37 -4.65 0.01
C GLU A 16 3.86 -4.55 0.27
N CYS A 17 3.46 -3.46 0.93
CA CYS A 17 2.05 -3.24 1.27
C CYS A 17 1.14 -3.54 0.09
N GLU A 18 1.65 -3.37 -1.13
CA GLU A 18 0.87 -3.62 -2.33
C GLU A 18 0.41 -5.08 -2.37
N GLU A 19 1.37 -5.99 -2.50
CA GLU A 19 1.05 -7.42 -2.54
C GLU A 19 0.36 -7.86 -1.26
N ALA A 20 0.71 -7.21 -0.16
CA ALA A 20 0.12 -7.54 1.14
C ALA A 20 -1.30 -6.99 1.26
N CYS A 21 -1.59 -5.91 0.54
CA CYS A 21 -2.91 -5.30 0.58
C CYS A 21 -3.80 -5.85 -0.53
N LYS A 22 -3.19 -6.30 -1.61
CA LYS A 22 -3.93 -6.85 -2.75
C LYS A 22 -5.04 -5.91 -3.19
N HIS A 23 -4.67 -4.66 -3.44
CA HIS A 23 -5.64 -3.64 -3.87
C HIS A 23 -5.01 -2.66 -4.86
N PRO A 24 -4.04 -1.84 -4.39
CA PRO A 24 -3.36 -0.85 -5.24
C PRO A 24 -2.92 -1.45 -6.57
N VAL A 25 -3.64 -1.10 -7.62
CA VAL A 25 -3.32 -1.58 -8.96
C VAL A 25 -2.02 -0.97 -9.44
N GLU A 26 -1.77 -1.02 -10.75
CA GLU A 26 -0.56 -0.45 -11.31
C GLU A 26 -0.57 1.07 -11.27
N TYR A 27 -0.77 1.63 -10.08
CA TYR A 27 -0.81 3.08 -9.90
C TYR A 27 -1.96 3.69 -10.70
N ASP A 1 -5.83 7.98 4.35
CA ASP A 1 -7.05 7.34 4.89
C ASP A 1 -7.22 5.91 4.38
N PRO A 2 -7.01 5.67 3.06
CA PRO A 2 -7.16 4.34 2.48
C PRO A 2 -6.02 3.40 2.86
N CYS A 3 -5.93 2.29 2.15
CA CYS A 3 -4.91 1.28 2.41
C CYS A 3 -3.50 1.85 2.26
N TYR A 4 -3.24 2.42 1.10
CA TYR A 4 -1.93 2.99 0.81
C TYR A 4 -1.47 3.94 1.91
N GLU A 5 -2.18 5.06 2.07
CA GLU A 5 -1.83 6.04 3.10
C GLU A 5 -1.67 5.37 4.46
N VAL A 6 -2.70 4.62 4.89
CA VAL A 6 -2.63 3.92 6.16
C VAL A 6 -1.31 3.16 6.24
N CYS A 7 -0.86 2.69 5.08
CA CYS A 7 0.40 1.99 4.97
C CYS A 7 1.54 2.97 5.15
N LEU A 8 1.50 4.05 4.37
CA LEU A 8 2.50 5.09 4.44
C LEU A 8 2.76 5.49 5.88
N GLN A 9 1.74 5.33 6.72
CA GLN A 9 1.86 5.67 8.13
C GLN A 9 2.79 4.68 8.83
N GLN A 10 4.07 4.71 8.44
CA GLN A 10 5.09 3.84 9.02
C GLN A 10 4.88 2.38 8.63
N HIS A 11 4.62 2.14 7.34
CA HIS A 11 4.43 0.77 6.85
C HIS A 11 5.05 0.60 5.48
N GLY A 12 4.86 -0.59 4.89
CA GLY A 12 5.41 -0.88 3.58
C GLY A 12 5.09 0.18 2.54
N ASN A 13 5.99 0.33 1.57
CA ASN A 13 5.82 1.32 0.51
C ASN A 13 5.04 0.71 -0.67
N VAL A 14 5.20 1.31 -1.85
CA VAL A 14 4.53 0.85 -3.06
C VAL A 14 4.64 -0.67 -3.22
N LYS A 15 5.76 -1.11 -3.77
CA LYS A 15 6.02 -2.53 -4.01
C LYS A 15 5.52 -3.43 -2.89
N GLU A 16 6.20 -3.38 -1.74
CA GLU A 16 5.84 -4.21 -0.60
C GLU A 16 4.34 -4.12 -0.28
N CYS A 17 3.91 -2.96 0.19
CA CYS A 17 2.51 -2.76 0.56
C CYS A 17 1.58 -3.21 -0.56
N GLU A 18 2.03 -3.11 -1.80
CA GLU A 18 1.21 -3.52 -2.94
C GLU A 18 0.77 -4.97 -2.77
N GLU A 19 1.73 -5.87 -2.60
CA GLU A 19 1.43 -7.28 -2.41
C GLU A 19 0.77 -7.48 -1.05
N ALA A 20 1.10 -6.60 -0.10
CA ALA A 20 0.53 -6.69 1.24
C ALA A 20 -0.93 -6.26 1.27
N CYS A 21 -1.32 -5.38 0.34
CA CYS A 21 -2.70 -4.90 0.28
C CYS A 21 -3.50 -5.68 -0.76
N LYS A 22 -2.79 -6.30 -1.71
CA LYS A 22 -3.43 -7.09 -2.77
C LYS A 22 -4.64 -6.36 -3.36
N HIS A 23 -4.59 -5.03 -3.36
CA HIS A 23 -5.67 -4.22 -3.89
C HIS A 23 -5.22 -3.48 -5.15
N PRO A 24 -4.32 -2.49 -5.01
CA PRO A 24 -3.81 -1.70 -6.15
C PRO A 24 -3.34 -2.59 -7.29
N VAL A 25 -3.96 -2.41 -8.46
CA VAL A 25 -3.59 -3.18 -9.64
C VAL A 25 -2.22 -2.74 -10.11
N GLU A 26 -1.92 -2.96 -11.37
CA GLU A 26 -0.63 -2.57 -11.94
C GLU A 26 -0.51 -1.04 -12.03
N TYR A 27 -0.74 -0.35 -10.91
CA TYR A 27 -0.65 1.11 -10.89
C TYR A 27 0.77 1.56 -11.21
N ASP A 1 -10.53 4.67 -1.02
CA ASP A 1 -9.43 5.13 -0.13
C ASP A 1 -8.07 4.76 -0.69
N PRO A 2 -7.04 5.57 -0.39
CA PRO A 2 -5.68 5.33 -0.85
C PRO A 2 -4.91 4.38 0.06
N CYS A 3 -4.96 3.11 -0.30
CA CYS A 3 -4.29 2.07 0.47
C CYS A 3 -2.79 2.34 0.59
N TYR A 4 -2.16 2.68 -0.53
CA TYR A 4 -0.74 2.97 -0.56
C TYR A 4 -0.36 3.99 0.51
N GLU A 5 -0.82 5.22 0.34
CA GLU A 5 -0.52 6.28 1.30
C GLU A 5 -0.86 5.84 2.72
N VAL A 6 -2.01 5.19 2.88
CA VAL A 6 -2.43 4.71 4.19
C VAL A 6 -1.35 3.81 4.77
N CYS A 7 -0.74 3.01 3.90
CA CYS A 7 0.33 2.12 4.29
C CYS A 7 1.59 2.91 4.61
N LEU A 8 1.93 3.82 3.70
CA LEU A 8 3.09 4.67 3.84
C LEU A 8 3.05 5.43 5.17
N GLN A 9 1.86 5.76 5.62
CA GLN A 9 1.68 6.49 6.88
C GLN A 9 2.55 5.90 8.00
N GLN A 10 2.44 4.58 8.19
CA GLN A 10 3.22 3.91 9.23
C GLN A 10 3.48 2.45 8.86
N HIS A 11 3.95 2.22 7.65
CA HIS A 11 4.23 0.86 7.19
C HIS A 11 5.26 0.86 6.07
N GLY A 12 5.36 -0.27 5.36
CA GLY A 12 6.31 -0.39 4.27
C GLY A 12 6.16 0.73 3.24
N ASN A 13 6.93 0.65 2.17
CA ASN A 13 6.89 1.65 1.12
C ASN A 13 6.23 1.11 -0.14
N VAL A 14 6.98 0.30 -0.88
CA VAL A 14 6.49 -0.29 -2.12
C VAL A 14 6.43 -1.81 -2.03
N LYS A 15 7.61 -2.43 -2.07
CA LYS A 15 7.71 -3.89 -2.00
C LYS A 15 6.71 -4.51 -1.02
N GLU A 16 6.92 -4.26 0.26
CA GLU A 16 6.05 -4.80 1.30
C GLU A 16 4.59 -4.41 1.09
N CYS A 17 4.31 -3.12 1.27
CA CYS A 17 2.95 -2.61 1.12
C CYS A 17 2.30 -3.06 -0.18
N GLU A 18 3.12 -3.36 -1.19
CA GLU A 18 2.61 -3.80 -2.48
C GLU A 18 1.89 -5.14 -2.33
N GLU A 19 2.61 -6.15 -1.87
CA GLU A 19 2.02 -7.47 -1.68
C GLU A 19 0.95 -7.43 -0.60
N ALA A 20 1.11 -6.51 0.35
CA ALA A 20 0.14 -6.36 1.42
C ALA A 20 -1.17 -5.80 0.87
N CYS A 21 -1.05 -4.95 -0.15
CA CYS A 21 -2.20 -4.35 -0.78
C CYS A 21 -2.04 -4.34 -2.30
N LYS A 22 -1.77 -5.51 -2.87
CA LYS A 22 -1.59 -5.63 -4.31
C LYS A 22 -2.93 -5.73 -5.05
N HIS A 23 -3.98 -5.14 -4.48
CA HIS A 23 -5.30 -5.18 -5.10
C HIS A 23 -5.41 -4.10 -6.16
N PRO A 24 -6.26 -4.32 -7.19
CA PRO A 24 -6.44 -3.36 -8.28
C PRO A 24 -7.19 -2.10 -7.82
N VAL A 25 -6.60 -1.41 -6.86
CA VAL A 25 -7.20 -0.18 -6.34
C VAL A 25 -6.62 1.03 -7.07
N GLU A 26 -6.82 2.22 -6.53
CA GLU A 26 -6.30 3.43 -7.14
C GLU A 26 -4.80 3.56 -6.90
N TYR A 27 -4.05 2.55 -7.34
CA TYR A 27 -2.60 2.54 -7.16
C TYR A 27 -2.22 2.66 -5.69
N ASP A 1 -9.94 6.19 -0.69
CA ASP A 1 -9.26 5.07 0.01
C ASP A 1 -7.94 4.70 -0.66
N PRO A 2 -6.86 5.40 -0.30
CA PRO A 2 -5.53 5.15 -0.86
C PRO A 2 -4.74 4.15 -0.05
N CYS A 3 -4.72 2.91 -0.52
CA CYS A 3 -4.00 1.84 0.15
C CYS A 3 -2.53 2.20 0.35
N TYR A 4 -1.87 2.55 -0.75
CA TYR A 4 -0.46 2.91 -0.70
C TYR A 4 -0.19 4.03 0.31
N GLU A 5 -0.70 5.22 0.02
CA GLU A 5 -0.52 6.37 0.90
C GLU A 5 -0.80 6.01 2.35
N VAL A 6 -1.96 5.39 2.59
CA VAL A 6 -2.34 4.97 3.93
C VAL A 6 -1.24 4.09 4.51
N CYS A 7 -0.63 3.29 3.65
CA CYS A 7 0.46 2.41 4.04
C CYS A 7 1.71 3.24 4.33
N LEU A 8 1.89 4.27 3.52
CA LEU A 8 3.02 5.16 3.66
C LEU A 8 2.95 5.95 4.97
N GLN A 9 1.73 6.24 5.40
CA GLN A 9 1.51 6.98 6.64
C GLN A 9 2.44 6.48 7.75
N GLN A 10 2.34 5.19 8.04
CA GLN A 10 3.17 4.57 9.07
C GLN A 10 3.30 3.07 8.83
N HIS A 11 3.52 2.67 7.58
CA HIS A 11 3.65 1.26 7.25
C HIS A 11 4.71 1.05 6.16
N GLY A 12 4.70 -0.14 5.57
CA GLY A 12 5.66 -0.46 4.51
C GLY A 12 5.66 0.57 3.40
N ASN A 13 6.42 0.28 2.35
CA ASN A 13 6.52 1.19 1.20
C ASN A 13 6.05 0.51 -0.07
N VAL A 14 6.95 -0.25 -0.70
CA VAL A 14 6.63 -0.94 -1.94
C VAL A 14 6.55 -2.46 -1.73
N LYS A 15 7.70 -3.11 -1.66
CA LYS A 15 7.78 -4.55 -1.47
C LYS A 15 6.71 -5.09 -0.52
N GLU A 16 6.85 -4.75 0.76
CA GLU A 16 5.91 -5.21 1.78
C GLU A 16 4.46 -4.97 1.39
N CYS A 17 4.04 -3.71 1.40
CA CYS A 17 2.68 -3.34 1.06
C CYS A 17 2.27 -3.80 -0.33
N GLU A 18 3.25 -4.11 -1.18
CA GLU A 18 2.95 -4.57 -2.53
C GLU A 18 2.18 -5.88 -2.47
N GLU A 19 2.79 -6.90 -1.89
CA GLU A 19 2.13 -8.19 -1.75
C GLU A 19 0.99 -8.10 -0.76
N ALA A 20 1.16 -7.25 0.25
CA ALA A 20 0.13 -7.04 1.26
C ALA A 20 -1.06 -6.31 0.65
N CYS A 21 -0.79 -5.51 -0.38
CA CYS A 21 -1.84 -4.76 -1.06
C CYS A 21 -1.66 -4.86 -2.58
N LYS A 22 -1.47 -6.07 -3.07
CA LYS A 22 -1.27 -6.32 -4.50
C LYS A 22 -2.56 -6.17 -5.30
N HIS A 23 -3.53 -5.44 -4.76
CA HIS A 23 -4.80 -5.23 -5.44
C HIS A 23 -4.84 -3.85 -6.09
N PRO A 24 -5.38 -3.75 -7.30
CA PRO A 24 -5.47 -2.48 -8.03
C PRO A 24 -6.43 -1.50 -7.37
N VAL A 25 -6.10 -1.08 -6.16
CA VAL A 25 -6.91 -0.13 -5.44
C VAL A 25 -6.81 1.25 -6.10
N GLU A 26 -7.60 2.21 -5.65
CA GLU A 26 -7.57 3.54 -6.24
C GLU A 26 -6.27 4.28 -5.90
N TYR A 27 -5.14 3.70 -6.29
CA TYR A 27 -3.85 4.33 -6.02
C TYR A 27 -3.11 4.66 -7.32
N ASP A 1 -9.83 4.07 3.34
CA ASP A 1 -10.16 3.91 1.89
C ASP A 1 -8.92 3.63 1.05
N PRO A 2 -7.87 4.47 1.20
CA PRO A 2 -6.63 4.31 0.45
C PRO A 2 -5.64 3.42 1.18
N CYS A 3 -5.61 2.16 0.79
CA CYS A 3 -4.71 1.18 1.39
C CYS A 3 -3.26 1.62 1.27
N TYR A 4 -2.84 1.95 0.06
CA TYR A 4 -1.48 2.38 -0.20
C TYR A 4 -1.07 3.51 0.75
N GLU A 5 -1.74 4.64 0.64
CA GLU A 5 -1.45 5.79 1.50
C GLU A 5 -1.42 5.36 2.97
N VAL A 6 -2.41 4.57 3.38
CA VAL A 6 -2.47 4.08 4.74
C VAL A 6 -1.16 3.41 5.10
N CYS A 7 -0.60 2.68 4.15
CA CYS A 7 0.66 2.01 4.34
C CYS A 7 1.78 3.03 4.38
N LEU A 8 1.72 3.99 3.45
CA LEU A 8 2.71 5.05 3.39
C LEU A 8 2.76 5.81 4.71
N GLN A 9 1.64 5.76 5.44
CA GLN A 9 1.54 6.43 6.74
C GLN A 9 2.44 5.75 7.76
N GLN A 10 3.75 5.82 7.53
CA GLN A 10 4.75 5.23 8.42
C GLN A 10 4.73 3.71 8.36
N HIS A 11 4.75 3.17 7.14
CA HIS A 11 4.76 1.72 6.95
C HIS A 11 5.43 1.36 5.63
N GLY A 12 5.29 0.11 5.21
CA GLY A 12 5.90 -0.33 3.96
C GLY A 12 5.65 0.62 2.82
N ASN A 13 6.52 0.58 1.82
CA ASN A 13 6.39 1.45 0.66
C ASN A 13 5.60 0.79 -0.46
N VAL A 14 6.22 -0.19 -1.12
CA VAL A 14 5.59 -0.89 -2.22
C VAL A 14 5.51 -2.39 -1.97
N LYS A 15 6.65 -3.06 -2.10
CA LYS A 15 6.74 -4.51 -1.92
C LYS A 15 5.77 -5.06 -0.89
N GLU A 16 6.07 -4.87 0.39
CA GLU A 16 5.22 -5.36 1.47
C GLU A 16 3.75 -5.02 1.23
N CYS A 17 3.43 -3.74 1.21
CA CYS A 17 2.07 -3.29 1.00
C CYS A 17 1.47 -3.87 -0.28
N GLU A 18 2.34 -4.24 -1.22
CA GLU A 18 1.90 -4.82 -2.48
C GLU A 18 1.13 -6.11 -2.25
N GLU A 19 1.84 -7.14 -1.80
CA GLU A 19 1.20 -8.43 -1.54
C GLU A 19 0.18 -8.29 -0.43
N ALA A 20 0.42 -7.37 0.49
CA ALA A 20 -0.50 -7.13 1.59
C ALA A 20 -1.77 -6.49 1.05
N CYS A 21 -1.63 -5.75 -0.05
CA CYS A 21 -2.75 -5.08 -0.69
C CYS A 21 -2.60 -5.12 -2.21
N LYS A 22 -2.51 -6.34 -2.75
CA LYS A 22 -2.34 -6.51 -4.20
C LYS A 22 -3.65 -6.32 -4.97
N HIS A 23 -4.60 -5.61 -4.38
CA HIS A 23 -5.88 -5.38 -5.04
C HIS A 23 -5.91 -3.99 -5.69
N PRO A 24 -5.65 -2.91 -4.92
CA PRO A 24 -5.65 -1.54 -5.44
C PRO A 24 -4.46 -1.28 -6.35
N VAL A 25 -4.75 -1.04 -7.63
CA VAL A 25 -3.71 -0.76 -8.60
C VAL A 25 -3.08 0.60 -8.30
N GLU A 26 -2.38 1.16 -9.27
CA GLU A 26 -1.76 2.46 -9.10
C GLU A 26 -2.80 3.58 -9.03
N TYR A 27 -3.77 3.44 -8.13
CA TYR A 27 -4.82 4.44 -7.98
C TYR A 27 -5.61 4.60 -9.28
N ASP A 1 -6.44 3.71 -1.94
CA ASP A 1 -5.77 4.92 -1.39
C ASP A 1 -5.51 4.79 0.12
N PRO A 2 -6.56 4.45 0.89
CA PRO A 2 -6.45 4.30 2.35
C PRO A 2 -5.34 3.32 2.74
N CYS A 3 -5.43 2.10 2.20
CA CYS A 3 -4.44 1.06 2.49
C CYS A 3 -3.02 1.58 2.32
N TYR A 4 -2.71 2.03 1.11
CA TYR A 4 -1.38 2.55 0.80
C TYR A 4 -0.97 3.66 1.76
N GLU A 5 -1.61 4.82 1.63
CA GLU A 5 -1.32 5.96 2.48
C GLU A 5 -1.21 5.55 3.95
N VAL A 6 -2.23 4.86 4.45
CA VAL A 6 -2.23 4.40 5.83
C VAL A 6 -0.94 3.66 6.14
N CYS A 7 -0.49 2.85 5.19
CA CYS A 7 0.74 2.10 5.34
C CYS A 7 1.94 3.03 5.27
N LEU A 8 1.88 3.98 4.34
CA LEU A 8 2.94 4.94 4.16
C LEU A 8 3.16 5.77 5.41
N GLN A 9 2.08 5.99 6.16
CA GLN A 9 2.15 6.76 7.40
C GLN A 9 3.38 6.38 8.22
N GLN A 10 3.48 5.10 8.55
CA GLN A 10 4.61 4.60 9.32
C GLN A 10 4.83 3.10 9.11
N HIS A 11 4.79 2.66 7.86
CA HIS A 11 4.99 1.25 7.55
C HIS A 11 6.01 1.05 6.44
N GLY A 12 5.63 1.34 5.21
CA GLY A 12 6.54 1.19 4.09
C GLY A 12 5.93 1.62 2.77
N ASN A 13 6.72 1.53 1.70
CA ASN A 13 6.26 1.92 0.38
C ASN A 13 5.39 0.83 -0.25
N VAL A 14 5.22 0.93 -1.56
CA VAL A 14 4.42 -0.02 -2.31
C VAL A 14 4.90 -1.46 -2.07
N LYS A 15 5.93 -1.87 -2.82
CA LYS A 15 6.52 -3.21 -2.73
C LYS A 15 5.82 -4.13 -1.72
N GLU A 16 6.13 -3.97 -0.43
CA GLU A 16 5.57 -4.80 0.61
C GLU A 16 4.05 -4.67 0.73
N CYS A 17 3.59 -3.60 1.36
CA CYS A 17 2.15 -3.37 1.55
C CYS A 17 1.36 -3.61 0.28
N GLU A 18 2.00 -3.43 -0.87
CA GLU A 18 1.34 -3.64 -2.15
C GLU A 18 0.87 -5.09 -2.28
N GLU A 19 1.81 -6.01 -2.40
CA GLU A 19 1.49 -7.42 -2.52
C GLU A 19 0.76 -7.91 -1.27
N ALA A 20 0.95 -7.20 -0.17
CA ALA A 20 0.31 -7.56 1.10
C ALA A 20 -1.14 -7.08 1.14
N CYS A 21 -1.42 -5.96 0.48
CA CYS A 21 -2.77 -5.40 0.46
C CYS A 21 -3.63 -6.09 -0.59
N LYS A 22 -2.97 -6.77 -1.55
CA LYS A 22 -3.68 -7.48 -2.61
C LYS A 22 -4.72 -6.59 -3.27
N HIS A 23 -4.30 -5.41 -3.70
CA HIS A 23 -5.20 -4.47 -4.36
C HIS A 23 -4.49 -3.75 -5.50
N PRO A 24 -4.54 -4.31 -6.72
CA PRO A 24 -3.90 -3.72 -7.90
C PRO A 24 -4.61 -2.45 -8.36
N VAL A 25 -4.64 -1.45 -7.49
CA VAL A 25 -5.27 -0.19 -7.82
C VAL A 25 -4.43 0.60 -8.83
N GLU A 26 -4.81 1.85 -9.10
CA GLU A 26 -4.08 2.68 -10.05
C GLU A 26 -2.74 3.10 -9.47
N TYR A 27 -1.88 2.11 -9.18
CA TYR A 27 -0.56 2.40 -8.62
C TYR A 27 -0.66 3.19 -7.33
N ASP A 1 -5.26 6.24 -2.13
CA ASP A 1 -5.92 5.01 -1.63
C ASP A 1 -5.82 4.92 -0.11
N PRO A 2 -6.81 4.27 0.54
CA PRO A 2 -6.83 4.11 2.00
C PRO A 2 -5.75 3.15 2.48
N CYS A 3 -5.63 2.01 1.81
CA CYS A 3 -4.64 1.01 2.17
C CYS A 3 -3.22 1.58 2.09
N TYR A 4 -2.91 2.17 0.95
CA TYR A 4 -1.60 2.77 0.73
C TYR A 4 -1.26 3.78 1.83
N GLU A 5 -2.15 4.75 2.03
CA GLU A 5 -1.94 5.76 3.06
C GLU A 5 -1.73 5.10 4.42
N VAL A 6 -2.49 4.05 4.69
CA VAL A 6 -2.37 3.32 5.95
C VAL A 6 -0.94 2.82 6.09
N CYS A 7 -0.40 2.32 4.99
CA CYS A 7 0.98 1.83 4.96
C CYS A 7 1.92 3.02 5.15
N LEU A 8 1.87 3.92 4.18
CA LEU A 8 2.67 5.12 4.18
C LEU A 8 2.69 5.78 5.56
N GLN A 9 1.59 5.63 6.27
CA GLN A 9 1.45 6.20 7.61
C GLN A 9 2.65 5.83 8.49
N GLN A 10 3.02 4.54 8.47
CA GLN A 10 4.15 4.07 9.26
C GLN A 10 4.75 2.79 8.68
N HIS A 11 5.05 2.80 7.38
CA HIS A 11 5.63 1.64 6.73
C HIS A 11 6.44 2.03 5.49
N GLY A 12 6.84 1.04 4.72
CA GLY A 12 7.62 1.29 3.52
C GLY A 12 6.77 1.77 2.35
N ASN A 13 7.30 1.66 1.14
CA ASN A 13 6.60 2.08 -0.05
C ASN A 13 5.74 0.95 -0.62
N VAL A 14 5.37 1.10 -1.89
CA VAL A 14 4.55 0.11 -2.58
C VAL A 14 5.12 -1.31 -2.41
N LYS A 15 5.94 -1.75 -3.37
CA LYS A 15 6.56 -3.08 -3.35
C LYS A 15 5.90 -4.05 -2.36
N GLU A 16 6.48 -4.19 -1.17
CA GLU A 16 5.94 -5.09 -0.15
C GLU A 16 4.48 -4.76 0.17
N CYS A 17 4.26 -3.56 0.70
CA CYS A 17 2.91 -3.13 1.06
C CYS A 17 1.94 -3.39 -0.08
N GLU A 18 2.43 -3.28 -1.31
CA GLU A 18 1.60 -3.51 -2.49
C GLU A 18 0.94 -4.89 -2.40
N GLU A 19 1.77 -5.93 -2.34
CA GLU A 19 1.26 -7.29 -2.25
C GLU A 19 0.49 -7.51 -0.95
N ALA A 20 0.90 -6.78 0.08
CA ALA A 20 0.24 -6.88 1.38
C ALA A 20 -1.09 -6.14 1.39
N CYS A 21 -1.23 -5.16 0.49
CA CYS A 21 -2.45 -4.36 0.40
C CYS A 21 -3.52 -5.10 -0.41
N LYS A 22 -3.09 -6.10 -1.19
CA LYS A 22 -4.00 -6.87 -2.03
C LYS A 22 -4.95 -5.95 -2.80
N HIS A 23 -4.48 -4.76 -3.11
CA HIS A 23 -5.28 -3.79 -3.85
C HIS A 23 -4.59 -3.38 -5.14
N PRO A 24 -4.89 -4.06 -6.26
CA PRO A 24 -4.28 -3.77 -7.56
C PRO A 24 -4.73 -2.43 -8.13
N VAL A 25 -4.46 -1.36 -7.40
CA VAL A 25 -4.82 -0.03 -7.85
C VAL A 25 -3.91 0.41 -8.98
N GLU A 26 -4.11 1.64 -9.47
CA GLU A 26 -3.28 2.16 -10.56
C GLU A 26 -1.87 2.45 -10.06
N TYR A 27 -1.17 1.41 -9.60
CA TYR A 27 0.19 1.56 -9.09
C TYR A 27 0.22 2.49 -7.88
N ASP A 1 -5.88 6.17 -2.76
CA ASP A 1 -5.43 4.83 -2.28
C ASP A 1 -5.44 4.75 -0.76
N PRO A 2 -6.61 4.48 -0.16
CA PRO A 2 -6.74 4.37 1.30
C PRO A 2 -5.73 3.41 1.91
N CYS A 3 -5.66 2.20 1.36
CA CYS A 3 -4.74 1.19 1.85
C CYS A 3 -3.30 1.69 1.81
N TYR A 4 -2.91 2.25 0.67
CA TYR A 4 -1.56 2.76 0.51
C TYR A 4 -1.21 3.73 1.63
N GLU A 5 -1.94 4.84 1.72
CA GLU A 5 -1.71 5.83 2.76
C GLU A 5 -1.69 5.19 4.14
N VAL A 6 -2.60 4.23 4.36
CA VAL A 6 -2.66 3.52 5.63
C VAL A 6 -1.30 2.90 5.94
N CYS A 7 -0.69 2.31 4.92
CA CYS A 7 0.62 1.71 5.08
C CYS A 7 1.67 2.80 5.26
N LEU A 8 1.66 3.77 4.36
CA LEU A 8 2.58 4.89 4.43
C LEU A 8 2.55 5.52 5.81
N GLN A 9 1.42 5.36 6.50
CA GLN A 9 1.25 5.89 7.83
C GLN A 9 2.13 5.14 8.83
N GLN A 10 3.45 5.31 8.67
CA GLN A 10 4.44 4.68 9.52
C GLN A 10 4.57 3.19 9.27
N HIS A 11 4.74 2.83 7.99
CA HIS A 11 4.92 1.43 7.61
C HIS A 11 5.74 1.33 6.33
N GLY A 12 5.97 0.10 5.88
CA GLY A 12 6.75 -0.12 4.66
C GLY A 12 6.26 0.71 3.49
N ASN A 13 6.95 0.61 2.37
CA ASN A 13 6.61 1.37 1.18
C ASN A 13 5.88 0.47 0.17
N VAL A 14 5.96 0.84 -1.11
CA VAL A 14 5.33 0.10 -2.18
C VAL A 14 5.59 -1.40 -2.06
N LYS A 15 6.85 -1.79 -2.10
CA LYS A 15 7.27 -3.19 -2.03
C LYS A 15 6.31 -4.07 -1.23
N GLU A 16 6.47 -4.10 0.09
CA GLU A 16 5.63 -4.93 0.95
C GLU A 16 4.17 -4.52 0.91
N CYS A 17 3.90 -3.25 1.22
CA CYS A 17 2.53 -2.74 1.24
C CYS A 17 1.73 -3.19 0.03
N GLU A 18 2.38 -3.30 -1.12
CA GLU A 18 1.71 -3.73 -2.34
C GLU A 18 1.34 -5.20 -2.28
N GLU A 19 2.34 -6.05 -2.01
CA GLU A 19 2.09 -7.49 -1.93
C GLU A 19 1.28 -7.86 -0.69
N ALA A 20 1.25 -6.96 0.29
CA ALA A 20 0.51 -7.21 1.52
C ALA A 20 -0.93 -6.71 1.41
N CYS A 21 -1.18 -5.79 0.48
CA CYS A 21 -2.51 -5.24 0.29
C CYS A 21 -3.10 -5.65 -1.06
N LYS A 22 -2.22 -5.90 -2.03
CA LYS A 22 -2.63 -6.28 -3.38
C LYS A 22 -3.90 -5.58 -3.83
N HIS A 23 -3.93 -4.27 -3.58
CA HIS A 23 -5.07 -3.44 -3.95
C HIS A 23 -5.07 -3.15 -5.45
N PRO A 24 -6.02 -3.73 -6.21
CA PRO A 24 -6.10 -3.52 -7.66
C PRO A 24 -6.78 -2.20 -8.02
N VAL A 25 -6.21 -1.11 -7.50
CA VAL A 25 -6.74 0.21 -7.78
C VAL A 25 -6.23 0.71 -9.13
N GLU A 26 -6.55 1.95 -9.47
CA GLU A 26 -6.10 2.51 -10.75
C GLU A 26 -4.60 2.81 -10.71
N TYR A 27 -3.79 1.77 -10.48
CA TYR A 27 -2.34 1.94 -10.44
C TYR A 27 -1.63 0.71 -10.99
N ASP A 1 -10.37 5.16 0.10
CA ASP A 1 -9.51 4.31 0.96
C ASP A 1 -8.18 3.99 0.30
N PRO A 2 -7.21 4.90 0.41
CA PRO A 2 -5.88 4.73 -0.18
C PRO A 2 -5.00 3.81 0.64
N CYS A 3 -4.97 2.55 0.26
CA CYS A 3 -4.17 1.54 0.95
C CYS A 3 -2.70 1.97 1.01
N TYR A 4 -2.16 2.33 -0.14
CA TYR A 4 -0.77 2.76 -0.23
C TYR A 4 -0.44 3.83 0.80
N GLU A 5 -1.05 5.00 0.64
CA GLU A 5 -0.83 6.11 1.57
C GLU A 5 -1.00 5.66 3.01
N VAL A 6 -2.00 4.83 3.26
CA VAL A 6 -2.26 4.31 4.60
C VAL A 6 -1.02 3.60 5.14
N CYS A 7 -0.40 2.80 4.28
CA CYS A 7 0.81 2.06 4.64
C CYS A 7 1.98 3.03 4.79
N LEU A 8 2.11 3.91 3.81
CA LEU A 8 3.18 4.91 3.80
C LEU A 8 3.14 5.75 5.06
N GLN A 9 1.94 5.97 5.58
CA GLN A 9 1.75 6.76 6.79
C GLN A 9 2.76 6.37 7.87
N GLN A 10 2.84 5.07 8.16
CA GLN A 10 3.75 4.57 9.17
C GLN A 10 4.14 3.12 8.91
N HIS A 11 4.57 2.84 7.68
CA HIS A 11 4.98 1.49 7.30
C HIS A 11 6.06 1.52 6.21
N GLY A 12 6.39 0.35 5.69
CA GLY A 12 7.41 0.26 4.66
C GLY A 12 6.94 0.79 3.33
N ASN A 13 7.81 0.76 2.33
CA ASN A 13 7.48 1.24 1.00
C ASN A 13 6.61 0.23 0.25
N VAL A 14 6.53 0.40 -1.05
CA VAL A 14 5.74 -0.48 -1.90
C VAL A 14 6.02 -1.96 -1.57
N LYS A 15 7.07 -2.52 -2.18
CA LYS A 15 7.46 -3.91 -1.97
C LYS A 15 6.48 -4.70 -1.10
N GLU A 16 6.61 -4.55 0.22
CA GLU A 16 5.75 -5.26 1.16
C GLU A 16 4.31 -4.73 1.11
N CYS A 17 4.14 -3.45 1.41
CA CYS A 17 2.82 -2.83 1.43
C CYS A 17 2.00 -3.20 0.19
N GLU A 18 2.69 -3.38 -0.94
CA GLU A 18 2.02 -3.73 -2.19
C GLU A 18 1.49 -5.18 -2.13
N GLU A 19 2.41 -6.13 -2.12
CA GLU A 19 2.04 -7.55 -2.07
C GLU A 19 1.19 -7.84 -0.84
N ALA A 20 1.31 -6.99 0.18
CA ALA A 20 0.54 -7.17 1.40
C ALA A 20 -0.89 -6.71 1.23
N CYS A 21 -1.10 -5.69 0.41
CA CYS A 21 -2.43 -5.16 0.17
C CYS A 21 -3.08 -5.84 -1.03
N LYS A 22 -2.26 -6.20 -2.02
CA LYS A 22 -2.74 -6.87 -3.23
C LYS A 22 -4.02 -6.20 -3.76
N HIS A 23 -4.02 -4.87 -3.80
CA HIS A 23 -5.17 -4.13 -4.29
C HIS A 23 -4.76 -3.19 -5.42
N PRO A 24 -4.94 -3.63 -6.69
CA PRO A 24 -4.59 -2.82 -7.86
C PRO A 24 -5.49 -1.60 -8.01
N VAL A 25 -5.23 -0.58 -7.20
CA VAL A 25 -6.02 0.65 -7.24
C VAL A 25 -5.71 1.41 -8.53
N GLU A 26 -6.12 2.67 -8.58
CA GLU A 26 -5.89 3.50 -9.77
C GLU A 26 -4.47 4.05 -9.78
N TYR A 27 -3.48 3.16 -9.69
CA TYR A 27 -2.08 3.58 -9.69
C TYR A 27 -1.30 2.83 -10.77
N ASP A 1 -6.25 6.18 -2.71
CA ASP A 1 -5.69 4.91 -2.17
C ASP A 1 -5.61 4.94 -0.65
N PRO A 2 -6.69 4.51 0.03
CA PRO A 2 -6.74 4.48 1.50
C PRO A 2 -5.80 3.43 2.09
N CYS A 3 -5.79 2.25 1.48
CA CYS A 3 -4.94 1.16 1.96
C CYS A 3 -3.47 1.58 1.96
N TYR A 4 -3.02 2.12 0.83
CA TYR A 4 -1.63 2.56 0.69
C TYR A 4 -1.24 3.51 1.82
N GLU A 5 -1.81 4.71 1.83
CA GLU A 5 -1.52 5.70 2.85
C GLU A 5 -1.59 5.09 4.25
N VAL A 6 -2.65 4.32 4.50
CA VAL A 6 -2.82 3.67 5.80
C VAL A 6 -1.57 2.88 6.15
N CYS A 7 -1.02 2.18 5.16
CA CYS A 7 0.19 1.41 5.36
C CYS A 7 1.37 2.35 5.55
N LEU A 8 1.54 3.25 4.59
CA LEU A 8 2.61 4.23 4.62
C LEU A 8 2.71 4.90 5.98
N GLN A 9 1.59 4.98 6.68
CA GLN A 9 1.54 5.61 7.99
C GLN A 9 2.75 5.20 8.86
N GLN A 10 2.95 3.90 9.01
CA GLN A 10 4.06 3.40 9.81
C GLN A 10 4.49 2.00 9.37
N HIS A 11 4.67 1.79 8.07
CA HIS A 11 5.07 0.49 7.55
C HIS A 11 6.28 0.63 6.62
N GLY A 12 6.02 1.02 5.37
CA GLY A 12 7.08 1.17 4.41
C GLY A 12 6.58 1.64 3.06
N ASN A 13 7.47 1.64 2.07
CA ASN A 13 7.10 2.06 0.72
C ASN A 13 6.35 0.96 -0.02
N VAL A 14 6.25 1.11 -1.33
CA VAL A 14 5.56 0.14 -2.19
C VAL A 14 5.92 -1.30 -1.80
N LYS A 15 6.95 -1.86 -2.47
CA LYS A 15 7.42 -3.23 -2.22
C LYS A 15 6.49 -4.04 -1.30
N GLU A 16 6.71 -3.93 0.01
CA GLU A 16 5.91 -4.68 0.98
C GLU A 16 4.47 -4.19 1.05
N CYS A 17 4.29 -2.96 1.52
CA CYS A 17 2.95 -2.37 1.66
C CYS A 17 2.08 -2.66 0.44
N GLU A 18 2.71 -2.78 -0.72
CA GLU A 18 2.00 -3.06 -1.96
C GLU A 18 1.42 -4.46 -1.94
N GLU A 19 2.30 -5.46 -1.80
CA GLU A 19 1.87 -6.85 -1.77
C GLU A 19 0.99 -7.12 -0.55
N ALA A 20 1.05 -6.24 0.44
CA ALA A 20 0.26 -6.38 1.65
C ALA A 20 -1.13 -5.77 1.48
N CYS A 21 -1.22 -4.76 0.61
CA CYS A 21 -2.47 -4.08 0.35
C CYS A 21 -3.18 -4.69 -0.86
N LYS A 22 -2.39 -5.11 -1.85
CA LYS A 22 -2.92 -5.72 -3.06
C LYS A 22 -4.17 -5.01 -3.57
N HIS A 23 -4.04 -3.69 -3.72
CA HIS A 23 -5.15 -2.87 -4.20
C HIS A 23 -5.29 -2.98 -5.71
N PRO A 24 -6.38 -3.61 -6.20
CA PRO A 24 -6.61 -3.78 -7.62
C PRO A 24 -7.26 -2.55 -8.25
N VAL A 25 -6.62 -1.41 -8.09
CA VAL A 25 -7.10 -0.17 -8.64
C VAL A 25 -6.33 0.18 -9.91
N GLU A 26 -6.44 1.42 -10.36
CA GLU A 26 -5.73 1.84 -11.56
C GLU A 26 -4.24 1.98 -11.29
N TYR A 27 -3.62 0.90 -10.84
CA TYR A 27 -2.19 0.91 -10.54
C TYR A 27 -1.45 -0.18 -11.31
#